data_2RI8
#
_entry.id   2RI8
#
_cell.length_a   56.487
_cell.length_b   110.997
_cell.length_c   86.235
_cell.angle_alpha   90.00
_cell.angle_beta   99.17
_cell.angle_gamma   90.00
#
_symmetry.space_group_name_H-M   'P 1 21 1'
#
loop_
_entity.id
_entity.type
_entity.pdbx_description
1 polymer 'Mannosyl-oligosaccharide alpha-1,2-mannosidase'
2 branched 2-acetamido-2-deoxy-beta-D-glucopyranose-(1-4)-2-acetamido-2-deoxy-beta-D-glucopyranose
3 branched alpha-D-mannopyranose-(1-3)-[alpha-D-mannopyranose-(1-6)]alpha-D-mannopyranose-(1-4)-2-acetamido-2-deoxy-beta-D-glucopyranose-(1-4)-2-acetamido-2-deoxy-beta-D-glucopyranose
4 non-polymer 'CALCIUM ION'
5 non-polymer GLYCEROL
6 water water
#
_entity_poly.entity_id   1
_entity_poly.type   'polypeptide(L)'
_entity_poly.pdbx_seq_one_letter_code
;SNQAKADAVKEAFQHAWNGYMKYAFPHDELTPVSNGHADSRNGWGASAVDALSTAVIMGKADVVNAILEHVADIDFSKTS
DTVSLFETTIRYLAGMLSGYDLLQGPAKNLVDNQDLIDGLLDQSRNLADVLKFAFDTPSGVPYNNINITSHGNDGATTNG
LAVTGTLVLEWTRLSDLTGDEEYAKLSQKAESYLLKPQPSSSEPFPGLVGSSININDGQFADSRVSWNGGDDSFYEYLIK
MYVYDPKRFETYKDRWVLAAESTIKHLKSHPKSRPDLTFLSSYSNRNYDLSSQHLTCFDGGSFLLGGTVLDRQDFIDFGL
ELVDGCEATYNSTLTKIGPDSWGWDPKKVPSDQKEFYEKAGFYISSGSYVLRPEVIESFYYAHRVTGKEIYRDWVWNAFV
AINSTCRTDSGFAAVSDVNKANGGSKYDNQESFLFAEVMKYSYLAHSEDAAWQVQKGGKNTFVYNTEAHPISVAR
;
_entity_poly.pdbx_strand_id   A,B
#
loop_
_chem_comp.id
_chem_comp.type
_chem_comp.name
_chem_comp.formula
CA non-polymer 'CALCIUM ION' 'Ca 2'
GOL non-polymer GLYCEROL 'C3 H8 O3'
MAN D-saccharide, alpha linking alpha-D-mannopyranose 'C6 H12 O6'
NAG D-saccharide, beta linking 2-acetamido-2-deoxy-beta-D-glucopyranose 'C8 H15 N O6'
#
# COMPACT_ATOMS: atom_id res chain seq x y z
N SER A 1 7.40 21.92 30.59
CA SER A 1 6.69 20.84 29.84
C SER A 1 6.40 21.24 28.41
N ASN A 2 5.39 22.09 28.23
CA ASN A 2 5.01 22.55 26.90
C ASN A 2 6.15 23.21 26.15
N GLN A 3 6.97 23.98 26.87
CA GLN A 3 8.10 24.67 26.26
C GLN A 3 9.17 23.69 25.75
N ALA A 4 9.31 22.57 26.46
CA ALA A 4 10.28 21.54 26.11
C ALA A 4 9.79 20.74 24.91
N LYS A 5 8.47 20.51 24.87
CA LYS A 5 7.87 19.79 23.77
C LYS A 5 7.95 20.61 22.49
N ALA A 6 7.68 21.90 22.59
CA ALA A 6 7.76 22.77 21.42
C ALA A 6 9.19 22.76 20.90
N ASP A 7 10.15 22.86 21.83
CA ASP A 7 11.55 22.84 21.45
C ASP A 7 11.94 21.50 20.78
N ALA A 8 11.33 20.40 21.22
CA ALA A 8 11.64 19.09 20.65
C ALA A 8 11.12 18.93 19.21
N VAL A 9 10.05 19.66 18.89
CA VAL A 9 9.45 19.63 17.56
C VAL A 9 10.39 20.44 16.66
N LYS A 10 10.86 21.57 17.18
CA LYS A 10 11.81 22.39 16.43
C LYS A 10 13.04 21.55 16.05
N GLU A 11 13.49 20.70 16.98
CA GLU A 11 14.66 19.86 16.74
C GLU A 11 14.45 18.83 15.62
N ALA A 12 13.27 18.23 15.60
CA ALA A 12 12.93 17.23 14.60
C ALA A 12 12.85 17.90 13.21
N PHE A 13 12.29 19.11 13.18
CA PHE A 13 12.17 19.88 11.94
C PHE A 13 13.60 20.27 11.49
N GLN A 14 14.43 20.70 12.43
CA GLN A 14 15.81 21.11 12.12
C GLN A 14 16.58 19.91 11.56
N HIS A 15 16.36 18.75 12.15
CA HIS A 15 17.01 17.51 11.72
C HIS A 15 16.72 17.26 10.22
N ALA A 16 15.46 17.37 9.83
CA ALA A 16 15.06 17.14 8.44
C ALA A 16 15.57 18.25 7.53
N TRP A 17 15.57 19.49 8.02
CA TRP A 17 16.06 20.59 7.20
C TRP A 17 17.55 20.36 6.89
N ASN A 18 18.34 19.97 7.88
CA ASN A 18 19.78 19.72 7.66
C ASN A 18 20.04 18.63 6.59
N GLY A 19 19.35 17.49 6.70
CA GLY A 19 19.52 16.40 5.74
C GLY A 19 19.07 16.78 4.33
N TYR A 20 18.04 17.60 4.23
CA TYR A 20 17.53 18.05 2.94
C TYR A 20 18.53 19.00 2.27
N MET A 21 19.08 19.93 3.06
CA MET A 21 20.05 20.86 2.51
C MET A 21 21.30 20.10 2.11
N LYS A 22 21.66 19.11 2.93
CA LYS A 22 22.86 18.31 2.73
C LYS A 22 22.94 17.44 1.47
N TYR A 23 21.85 16.71 1.20
CA TYR A 23 21.77 15.79 0.08
C TYR A 23 20.87 16.14 -1.11
N ALA A 24 19.97 17.11 -0.99
CA ALA A 24 19.02 17.41 -2.07
C ALA A 24 18.78 18.85 -2.57
N PHE A 25 18.80 19.82 -1.66
CA PHE A 25 18.57 21.21 -2.06
C PHE A 25 19.47 21.58 -3.25
N PRO A 26 18.93 22.28 -4.26
CA PRO A 26 17.56 22.79 -4.49
C PRO A 26 16.49 21.89 -5.14
N HIS A 27 16.74 20.59 -5.28
CA HIS A 27 15.71 19.72 -5.85
C HIS A 27 14.46 19.80 -4.96
N ASP A 28 13.34 19.26 -5.44
CA ASP A 28 12.10 19.34 -4.67
C ASP A 28 12.10 18.61 -3.34
N GLU A 29 12.71 17.43 -3.30
CA GLU A 29 12.73 16.73 -2.04
C GLU A 29 13.89 15.75 -1.81
N LEU A 30 14.12 15.45 -0.53
CA LEU A 30 15.15 14.53 -0.08
C LEU A 30 14.65 13.09 -0.18
N THR A 31 15.48 12.15 -0.60
CA THR A 31 15.09 10.74 -0.57
C THR A 31 15.86 10.30 0.71
N PRO A 32 15.13 10.17 1.84
CA PRO A 32 15.58 9.80 3.20
C PRO A 32 16.24 8.48 3.54
N VAL A 33 16.20 7.50 2.64
CA VAL A 33 16.86 6.23 2.93
C VAL A 33 18.17 6.13 2.19
N SER A 34 18.18 6.51 0.90
CA SER A 34 19.42 6.50 0.13
C SER A 34 20.20 7.84 0.27
N ASN A 35 19.66 8.79 1.01
CA ASN A 35 20.31 10.12 1.18
C ASN A 35 20.60 10.73 -0.21
N GLY A 36 19.54 10.87 -1.01
CA GLY A 36 19.65 11.40 -2.36
C GLY A 36 18.62 12.48 -2.64
N HIS A 37 18.20 12.63 -3.89
CA HIS A 37 17.22 13.67 -4.22
C HIS A 37 16.17 13.26 -5.25
N ALA A 38 15.05 13.98 -5.27
CA ALA A 38 13.99 13.68 -6.22
C ALA A 38 13.29 14.96 -6.62
N ASP A 39 12.48 14.90 -7.66
CA ASP A 39 11.76 16.07 -8.13
C ASP A 39 10.35 15.76 -8.55
N SER A 40 9.51 15.50 -7.55
CA SER A 40 8.12 15.16 -7.82
C SER A 40 7.22 16.38 -8.00
N ARG A 41 7.78 17.57 -7.81
CA ARG A 41 6.98 18.80 -7.97
C ARG A 41 7.56 19.82 -8.98
N ASN A 42 7.85 19.38 -10.19
CA ASN A 42 8.36 20.26 -11.25
C ASN A 42 9.75 20.89 -11.07
N GLY A 43 10.48 20.48 -10.03
CA GLY A 43 11.83 20.97 -9.81
C GLY A 43 12.07 22.38 -9.33
N TRP A 44 11.06 23.03 -8.77
CA TRP A 44 11.26 24.40 -8.33
C TRP A 44 11.66 24.46 -6.85
N GLY A 45 11.87 23.29 -6.25
CA GLY A 45 12.27 23.24 -4.86
C GLY A 45 11.13 23.21 -3.85
N ALA A 46 10.17 22.32 -4.05
CA ALA A 46 8.99 22.20 -3.19
C ALA A 46 9.22 22.13 -1.68
N SER A 47 10.23 21.38 -1.23
CA SER A 47 10.44 21.27 0.21
C SER A 47 10.88 22.58 0.81
N ALA A 48 11.67 23.35 0.04
CA ALA A 48 12.14 24.62 0.53
C ALA A 48 10.98 25.64 0.66
N VAL A 49 10.13 25.75 -0.36
CA VAL A 49 9.00 26.68 -0.34
C VAL A 49 7.94 26.27 0.66
N ASP A 50 7.71 24.97 0.83
CA ASP A 50 6.70 24.47 1.76
C ASP A 50 7.15 24.71 3.20
N ALA A 51 8.46 24.66 3.39
CA ALA A 51 9.06 24.86 4.70
C ALA A 51 8.98 26.30 5.23
N LEU A 52 8.85 27.28 4.32
CA LEU A 52 8.84 28.70 4.71
C LEU A 52 7.88 29.17 5.81
N SER A 53 6.59 28.91 5.68
CA SER A 53 5.68 29.38 6.72
C SER A 53 6.00 28.78 8.10
N THR A 54 6.40 27.51 8.14
CA THR A 54 6.77 26.85 9.40
C THR A 54 8.05 27.43 10.05
N ALA A 55 9.06 27.73 9.23
CA ALA A 55 10.30 28.31 9.75
C ALA A 55 9.99 29.70 10.35
N VAL A 56 9.17 30.49 9.66
CA VAL A 56 8.82 31.83 10.17
C VAL A 56 8.12 31.76 11.53
N ILE A 57 7.22 30.78 11.67
CA ILE A 57 6.47 30.59 12.91
C ILE A 57 7.36 30.08 14.04
N MET A 58 8.33 29.23 13.68
CA MET A 58 9.27 28.67 14.67
C MET A 58 10.40 29.63 15.05
N GLY A 59 10.49 30.74 14.31
CA GLY A 59 11.49 31.74 14.58
C GLY A 59 12.91 31.46 14.12
N LYS A 60 13.07 30.60 13.12
CA LYS A 60 14.40 30.26 12.60
C LYS A 60 14.76 31.17 11.41
N ALA A 61 15.37 32.32 11.70
CA ALA A 61 15.77 33.27 10.66
C ALA A 61 16.75 32.71 9.61
N ASP A 62 17.71 31.88 10.03
CA ASP A 62 18.66 31.30 9.09
C ASP A 62 17.91 30.51 8.02
N VAL A 63 16.95 29.70 8.44
CA VAL A 63 16.17 28.90 7.50
C VAL A 63 15.31 29.78 6.60
N VAL A 64 14.72 30.84 7.17
CA VAL A 64 13.91 31.77 6.39
C VAL A 64 14.73 32.48 5.30
N ASN A 65 15.87 33.05 5.67
CA ASN A 65 16.70 33.77 4.69
C ASN A 65 17.17 32.87 3.56
N ALA A 66 17.56 31.63 3.87
CA ALA A 66 18.03 30.72 2.84
C ALA A 66 16.89 30.45 1.85
N ILE A 67 15.67 30.36 2.38
CA ILE A 67 14.52 30.12 1.53
C ILE A 67 14.19 31.35 0.71
N LEU A 68 14.30 32.55 1.31
CA LEU A 68 14.01 33.78 0.58
C LEU A 68 15.00 33.98 -0.58
N GLU A 69 16.25 33.61 -0.38
CA GLU A 69 17.26 33.76 -1.43
C GLU A 69 16.94 32.77 -2.54
N HIS A 70 16.45 31.60 -2.17
CA HIS A 70 16.12 30.60 -3.18
C HIS A 70 14.93 31.00 -4.06
N VAL A 71 13.89 31.58 -3.46
CA VAL A 71 12.73 32.00 -4.24
C VAL A 71 13.08 32.98 -5.36
N ALA A 72 13.97 33.91 -5.05
CA ALA A 72 14.38 34.92 -6.02
C ALA A 72 14.95 34.34 -7.31
N ASP A 73 15.52 33.14 -7.26
CA ASP A 73 16.13 32.55 -8.46
C ASP A 73 15.27 31.57 -9.24
N ILE A 74 14.05 31.27 -8.75
CA ILE A 74 13.19 30.30 -9.45
C ILE A 74 12.62 30.84 -10.76
N ASP A 75 12.51 29.97 -11.74
CA ASP A 75 11.93 30.35 -13.03
C ASP A 75 10.72 29.45 -13.21
N PHE A 76 9.58 29.92 -12.74
CA PHE A 76 8.34 29.14 -12.82
C PHE A 76 7.85 28.90 -14.25
N SER A 77 8.49 29.51 -15.24
CA SER A 77 8.07 29.29 -16.62
C SER A 77 8.72 28.07 -17.27
N LYS A 78 9.65 27.44 -16.55
CA LYS A 78 10.34 26.28 -17.07
C LYS A 78 10.32 25.04 -16.16
N THR A 79 10.06 23.90 -16.79
CA THR A 79 10.01 22.62 -16.11
C THR A 79 9.90 21.55 -17.19
N SER A 80 10.52 20.40 -16.95
CA SER A 80 10.48 19.31 -17.92
C SER A 80 9.32 18.36 -17.67
N ASP A 81 8.45 18.65 -16.71
CA ASP A 81 7.31 17.77 -16.44
C ASP A 81 5.94 18.46 -16.53
N THR A 82 4.91 17.63 -16.74
CA THR A 82 3.54 18.12 -16.81
C THR A 82 3.21 18.78 -15.45
N VAL A 83 2.26 19.70 -15.46
CA VAL A 83 1.92 20.42 -14.22
C VAL A 83 0.50 20.25 -13.70
N SER A 84 0.41 19.94 -12.40
CA SER A 84 -0.86 19.80 -11.68
C SER A 84 -1.22 21.19 -11.17
N LEU A 85 -2.37 21.72 -11.61
CA LEU A 85 -2.81 23.04 -11.19
C LEU A 85 -3.07 23.07 -9.68
N PHE A 86 -3.67 22.00 -9.18
CA PHE A 86 -4.01 21.85 -7.77
C PHE A 86 -2.79 21.80 -6.83
N GLU A 87 -1.85 20.87 -7.08
CA GLU A 87 -0.69 20.77 -6.21
C GLU A 87 0.16 22.03 -6.26
N THR A 88 0.33 22.57 -7.46
CA THR A 88 1.16 23.76 -7.63
C THR A 88 0.56 24.95 -6.91
N THR A 89 -0.77 24.99 -6.83
CA THR A 89 -1.47 26.06 -6.14
C THR A 89 -1.41 25.97 -4.60
N ILE A 90 -1.71 24.80 -4.03
CA ILE A 90 -1.70 24.67 -2.56
C ILE A 90 -0.34 24.63 -1.89
N ARG A 91 0.70 24.23 -2.61
CA ARG A 91 2.04 24.18 -2.04
C ARG A 91 2.88 25.44 -2.40
N TYR A 92 3.11 25.65 -3.70
CA TYR A 92 3.91 26.80 -4.14
C TYR A 92 3.19 28.16 -4.00
N LEU A 93 2.07 28.35 -4.68
CA LEU A 93 1.38 29.64 -4.59
C LEU A 93 1.09 30.04 -3.15
N ALA A 94 0.41 29.16 -2.41
CA ALA A 94 0.07 29.47 -1.00
C ALA A 94 1.29 29.59 -0.06
N GLY A 95 2.32 28.79 -0.30
CA GLY A 95 3.50 28.87 0.54
C GLY A 95 4.25 30.20 0.46
N MET A 96 4.26 30.83 -0.71
CA MET A 96 4.92 32.13 -0.85
C MET A 96 4.01 33.23 -0.27
N LEU A 97 2.71 33.14 -0.57
CA LEU A 97 1.76 34.14 -0.05
C LEU A 97 1.68 34.13 1.48
N SER A 98 1.72 32.95 2.07
CA SER A 98 1.63 32.86 3.52
C SER A 98 2.88 33.48 4.14
N GLY A 99 4.04 33.21 3.54
CA GLY A 99 5.28 33.76 4.04
C GLY A 99 5.27 35.26 4.00
N TYR A 100 4.71 35.81 2.92
CA TYR A 100 4.61 37.24 2.77
C TYR A 100 3.72 37.83 3.88
N ASP A 101 2.49 37.31 4.04
CA ASP A 101 1.61 37.83 5.10
C ASP A 101 2.18 37.65 6.49
N LEU A 102 2.94 36.58 6.70
CA LEU A 102 3.52 36.36 8.01
C LEU A 102 4.69 37.30 8.24
N LEU A 103 5.45 37.57 7.19
CA LEU A 103 6.63 38.41 7.32
C LEU A 103 6.31 39.89 7.26
N GLN A 104 5.16 40.19 6.68
CA GLN A 104 4.71 41.56 6.52
C GLN A 104 3.78 41.93 7.70
N GLY A 105 3.65 41.02 8.67
CA GLY A 105 2.79 41.26 9.81
C GLY A 105 3.27 40.77 11.18
N PRO A 106 2.71 39.67 11.71
CA PRO A 106 3.16 39.17 13.02
C PRO A 106 4.63 38.80 13.14
N ALA A 107 5.34 38.73 12.03
CA ALA A 107 6.77 38.40 12.08
C ALA A 107 7.68 39.42 11.37
N LYS A 108 7.21 40.67 11.25
CA LYS A 108 7.95 41.78 10.62
C LYS A 108 9.40 41.95 11.06
N ASN A 109 9.67 41.69 12.34
CA ASN A 109 11.01 41.88 12.89
C ASN A 109 11.88 40.62 12.91
N LEU A 110 11.61 39.66 12.04
CA LEU A 110 12.40 38.44 12.03
C LEU A 110 13.64 38.54 11.14
N VAL A 111 13.52 39.23 10.01
CA VAL A 111 14.66 39.38 9.10
C VAL A 111 14.73 40.74 8.38
N ASP A 112 15.90 41.03 7.84
CA ASP A 112 16.13 42.25 7.07
C ASP A 112 16.31 41.79 5.64
N ASN A 113 15.24 41.81 4.87
CA ASN A 113 15.32 41.40 3.48
C ASN A 113 14.04 41.81 2.81
N GLN A 114 13.57 42.99 3.19
CA GLN A 114 12.34 43.53 2.66
C GLN A 114 12.24 43.32 1.16
N ASP A 115 13.36 43.50 0.46
CA ASP A 115 13.38 43.32 -0.99
C ASP A 115 13.08 41.86 -1.34
N LEU A 116 13.63 40.91 -0.58
CA LEU A 116 13.38 39.49 -0.86
C LEU A 116 11.95 39.13 -0.42
N ILE A 117 11.44 39.87 0.55
CA ILE A 117 10.08 39.67 1.03
C ILE A 117 9.13 40.12 -0.04
N ASP A 118 9.36 41.33 -0.56
CA ASP A 118 8.50 41.85 -1.61
C ASP A 118 8.46 40.91 -2.79
N GLY A 119 9.58 40.26 -3.06
CA GLY A 119 9.64 39.34 -4.18
C GLY A 119 8.76 38.12 -4.02
N LEU A 120 8.36 37.80 -2.79
CA LEU A 120 7.48 36.64 -2.56
C LEU A 120 6.16 36.89 -3.30
N LEU A 121 5.68 38.13 -3.29
CA LEU A 121 4.44 38.47 -3.98
C LEU A 121 4.70 38.54 -5.49
N ASP A 122 5.81 39.14 -5.87
CA ASP A 122 6.16 39.26 -7.29
C ASP A 122 6.15 37.86 -7.92
N GLN A 123 6.86 36.92 -7.28
CA GLN A 123 6.95 35.53 -7.77
C GLN A 123 5.60 34.82 -7.74
N SER A 124 4.72 35.21 -6.83
CA SER A 124 3.40 34.61 -6.76
C SER A 124 2.61 35.09 -7.97
N ARG A 125 2.84 36.34 -8.35
N ARG A 125 2.82 36.35 -8.35
CA ARG A 125 2.16 36.92 -9.49
CA ARG A 125 2.14 36.91 -9.51
C ARG A 125 2.61 36.18 -10.75
C ARG A 125 2.60 36.16 -10.75
N ASN A 126 3.91 36.01 -10.89
CA ASN A 126 4.46 35.32 -12.05
C ASN A 126 3.99 33.88 -12.18
N LEU A 127 3.90 33.15 -11.06
CA LEU A 127 3.44 31.75 -11.09
C LEU A 127 1.98 31.68 -11.57
N ALA A 128 1.11 32.55 -11.03
CA ALA A 128 -0.31 32.55 -11.45
C ALA A 128 -0.44 32.86 -12.96
N ASP A 129 0.35 33.82 -13.44
CA ASP A 129 0.31 34.18 -14.85
C ASP A 129 0.72 33.02 -15.74
N VAL A 130 1.73 32.25 -15.34
CA VAL A 130 2.12 31.11 -16.15
C VAL A 130 1.03 30.03 -16.15
N LEU A 131 0.32 29.90 -15.04
CA LEU A 131 -0.73 28.87 -14.92
C LEU A 131 -2.14 29.16 -15.45
N LYS A 132 -2.56 30.43 -15.36
CA LYS A 132 -3.93 30.82 -15.72
C LYS A 132 -4.57 30.32 -17.00
N PHE A 133 -3.79 30.08 -18.04
CA PHE A 133 -4.36 29.59 -19.28
C PHE A 133 -5.16 28.30 -19.05
N ALA A 134 -4.95 27.69 -17.88
CA ALA A 134 -5.65 26.44 -17.55
C ALA A 134 -7.13 26.67 -17.39
N PHE A 135 -7.48 27.88 -16.94
CA PHE A 135 -8.88 28.28 -16.70
C PHE A 135 -9.63 28.70 -17.97
N ASP A 136 -8.88 28.99 -19.05
CA ASP A 136 -9.49 29.44 -20.30
C ASP A 136 -10.16 28.31 -21.10
N THR A 137 -11.29 27.85 -20.59
CA THR A 137 -12.06 26.77 -21.20
C THR A 137 -13.49 27.29 -21.44
N PRO A 138 -14.37 26.47 -22.05
CA PRO A 138 -15.75 26.93 -22.30
C PRO A 138 -16.50 27.42 -21.06
N SER A 139 -16.58 26.55 -20.05
CA SER A 139 -17.28 26.84 -18.80
C SER A 139 -16.51 27.71 -17.84
N GLY A 140 -15.22 27.44 -17.73
CA GLY A 140 -14.39 28.17 -16.82
C GLY A 140 -13.81 27.11 -15.89
N VAL A 141 -14.34 25.89 -15.96
CA VAL A 141 -13.81 24.78 -15.17
C VAL A 141 -12.52 24.39 -15.88
N PRO A 142 -11.39 24.42 -15.16
CA PRO A 142 -10.08 24.09 -15.73
C PRO A 142 -9.68 22.65 -15.97
N TYR A 143 -8.51 22.53 -16.60
CA TYR A 143 -7.86 21.28 -16.88
C TYR A 143 -6.83 21.26 -15.75
N ASN A 144 -6.80 20.20 -14.96
CA ASN A 144 -5.84 20.18 -13.86
C ASN A 144 -4.42 19.81 -14.29
N ASN A 145 -4.28 19.06 -15.39
CA ASN A 145 -2.99 18.61 -15.90
C ASN A 145 -2.62 19.28 -17.21
N ILE A 146 -1.78 20.31 -17.12
CA ILE A 146 -1.37 21.09 -18.27
C ILE A 146 0.15 21.02 -18.57
N ASN A 147 0.53 21.57 -19.72
CA ASN A 147 1.93 21.67 -20.19
C ASN A 147 2.12 23.17 -20.34
N ILE A 148 2.77 23.80 -19.36
CA ILE A 148 2.95 25.24 -19.37
C ILE A 148 3.74 25.86 -20.52
N THR A 149 4.24 25.02 -21.43
CA THR A 149 5.01 25.54 -22.56
C THR A 149 4.17 25.48 -23.85
N SER A 150 3.48 24.37 -24.08
CA SER A 150 2.62 24.27 -25.25
C SER A 150 1.19 24.76 -24.97
N HIS A 151 0.75 24.64 -23.72
CA HIS A 151 -0.59 25.04 -23.26
C HIS A 151 -1.55 23.88 -23.51
N GLY A 152 -0.96 22.70 -23.78
CA GLY A 152 -1.76 21.52 -24.03
C GLY A 152 -2.15 20.90 -22.69
N ASN A 153 -2.92 19.80 -22.75
CA ASN A 153 -3.37 19.10 -21.54
C ASN A 153 -3.40 17.59 -21.80
N ASP A 154 -3.95 16.83 -20.87
CA ASP A 154 -4.04 15.38 -21.03
C ASP A 154 -5.29 14.94 -21.81
N GLY A 155 -6.02 15.92 -22.35
CA GLY A 155 -7.23 15.60 -23.10
C GLY A 155 -8.36 15.07 -22.24
N ALA A 156 -8.49 15.57 -21.01
CA ALA A 156 -9.56 15.14 -20.10
C ALA A 156 -10.88 15.82 -20.44
N THR A 157 -11.99 15.10 -20.26
CA THR A 157 -13.31 15.68 -20.51
C THR A 157 -13.90 16.23 -19.22
N THR A 158 -13.49 15.68 -18.08
CA THR A 158 -13.99 16.15 -16.78
C THR A 158 -12.85 16.53 -15.84
N ASN A 159 -13.18 17.31 -14.81
CA ASN A 159 -12.19 17.73 -13.80
C ASN A 159 -12.78 17.36 -12.40
N GLY A 160 -11.93 16.82 -11.53
CA GLY A 160 -12.39 16.41 -10.21
C GLY A 160 -12.91 17.51 -9.29
N LEU A 161 -13.74 17.12 -8.33
CA LEU A 161 -14.36 18.01 -7.35
C LEU A 161 -13.33 18.78 -6.51
N ALA A 162 -12.44 18.05 -5.85
CA ALA A 162 -11.44 18.70 -5.02
C ALA A 162 -10.44 19.55 -5.81
N VAL A 163 -9.96 19.05 -6.95
CA VAL A 163 -8.99 19.82 -7.74
C VAL A 163 -9.59 21.10 -8.33
N THR A 164 -10.92 21.12 -8.50
CA THR A 164 -11.63 22.31 -9.00
C THR A 164 -12.01 23.21 -7.83
N GLY A 165 -12.34 22.61 -6.69
CA GLY A 165 -12.78 23.39 -5.54
C GLY A 165 -11.78 23.81 -4.48
N THR A 166 -10.50 23.64 -4.74
CA THR A 166 -9.50 24.00 -3.75
C THR A 166 -8.43 24.97 -4.30
N LEU A 167 -8.88 25.97 -5.07
CA LEU A 167 -8.00 26.98 -5.67
C LEU A 167 -8.45 28.40 -5.33
N VAL A 168 -9.75 28.57 -5.10
CA VAL A 168 -10.31 29.90 -4.82
C VAL A 168 -9.70 30.74 -3.68
N LEU A 169 -9.14 30.08 -2.66
CA LEU A 169 -8.54 30.79 -1.52
C LEU A 169 -7.23 31.50 -1.88
N GLU A 170 -6.31 30.78 -2.51
CA GLU A 170 -5.05 31.37 -2.89
C GLU A 170 -5.21 32.32 -4.07
N TRP A 171 -5.98 31.92 -5.08
CA TRP A 171 -6.17 32.79 -6.22
C TRP A 171 -6.91 34.10 -5.83
N THR A 172 -7.92 34.03 -4.96
CA THR A 172 -8.62 35.25 -4.54
C THR A 172 -7.66 36.13 -3.72
N ARG A 173 -6.88 35.51 -2.84
CA ARG A 173 -5.92 36.22 -2.02
C ARG A 173 -4.87 37.00 -2.82
N LEU A 174 -4.45 36.47 -3.96
CA LEU A 174 -3.46 37.16 -4.80
C LEU A 174 -4.06 38.43 -5.40
N SER A 175 -5.33 38.35 -5.79
CA SER A 175 -6.02 39.50 -6.35
C SER A 175 -6.12 40.60 -5.30
N ASP A 176 -6.55 40.24 -4.09
CA ASP A 176 -6.67 41.25 -3.04
C ASP A 176 -5.33 41.90 -2.73
N LEU A 177 -4.25 41.18 -2.97
CA LEU A 177 -2.92 41.72 -2.68
C LEU A 177 -2.29 42.48 -3.84
N THR A 178 -2.61 42.09 -5.07
CA THR A 178 -2.06 42.79 -6.21
C THR A 178 -2.96 43.92 -6.66
N GLY A 179 -4.27 43.67 -6.68
CA GLY A 179 -5.21 44.68 -7.10
C GLY A 179 -5.75 44.31 -8.47
N ASP A 180 -5.26 43.19 -8.99
CA ASP A 180 -5.68 42.69 -10.29
C ASP A 180 -6.71 41.60 -10.02
N GLU A 181 -7.97 41.93 -10.27
CA GLU A 181 -9.10 41.04 -10.03
C GLU A 181 -9.20 39.81 -10.92
N GLU A 182 -8.33 39.67 -11.91
CA GLU A 182 -8.45 38.52 -12.78
C GLU A 182 -8.34 37.16 -12.08
N TYR A 183 -7.45 37.07 -11.10
CA TYR A 183 -7.25 35.82 -10.38
C TYR A 183 -8.49 35.42 -9.60
N ALA A 184 -9.07 36.38 -8.88
CA ALA A 184 -10.29 36.15 -8.12
C ALA A 184 -11.44 35.75 -9.04
N LYS A 185 -11.48 36.37 -10.22
CA LYS A 185 -12.54 36.09 -11.17
C LYS A 185 -12.48 34.70 -11.77
N LEU A 186 -11.31 34.29 -12.25
CA LEU A 186 -11.17 32.97 -12.86
C LEU A 186 -11.48 31.82 -11.88
N SER A 187 -10.92 31.89 -10.68
CA SER A 187 -11.15 30.84 -9.70
C SER A 187 -12.59 30.80 -9.20
N GLN A 188 -13.21 31.97 -9.01
CA GLN A 188 -14.59 32.01 -8.55
C GLN A 188 -15.62 31.52 -9.61
N LYS A 189 -15.29 31.67 -10.88
CA LYS A 189 -16.17 31.21 -11.97
C LYS A 189 -16.22 29.68 -11.95
N ALA A 190 -15.06 29.05 -11.78
CA ALA A 190 -15.00 27.60 -11.71
C ALA A 190 -15.77 27.14 -10.44
N GLU A 191 -15.57 27.85 -9.34
CA GLU A 191 -16.23 27.50 -8.08
C GLU A 191 -17.75 27.66 -8.15
N SER A 192 -18.22 28.52 -9.05
CA SER A 192 -19.67 28.77 -9.20
C SER A 192 -20.55 27.56 -9.53
N TYR A 193 -20.07 26.67 -10.40
CA TYR A 193 -20.84 25.50 -10.80
C TYR A 193 -21.02 24.51 -9.64
N LEU A 194 -20.16 24.64 -8.62
CA LEU A 194 -20.17 23.75 -7.46
C LEU A 194 -21.17 24.21 -6.38
N LEU A 195 -21.44 25.50 -6.33
CA LEU A 195 -22.36 26.10 -5.36
C LEU A 195 -23.82 26.00 -5.84
N LYS A 196 -23.99 25.85 -7.15
CA LYS A 196 -25.31 25.70 -7.79
C LYS A 196 -25.28 24.46 -8.68
N PRO A 197 -25.14 23.29 -8.04
CA PRO A 197 -25.08 21.97 -8.69
C PRO A 197 -26.23 21.64 -9.66
N GLN A 198 -25.86 21.12 -10.82
CA GLN A 198 -26.77 20.72 -11.89
C GLN A 198 -26.12 19.57 -12.67
N PRO A 199 -26.88 18.51 -13.03
CA PRO A 199 -28.32 18.24 -12.83
C PRO A 199 -28.59 18.03 -11.33
N SER A 200 -29.85 18.08 -10.92
CA SER A 200 -30.17 17.89 -9.50
C SER A 200 -29.83 16.46 -9.03
N SER A 201 -29.85 15.48 -9.94
CA SER A 201 -29.50 14.10 -9.55
C SER A 201 -28.02 13.98 -9.13
N SER A 202 -27.25 15.04 -9.37
CA SER A 202 -25.84 15.03 -8.99
C SER A 202 -25.66 15.59 -7.57
N GLU A 203 -26.77 15.98 -6.95
CA GLU A 203 -26.76 16.48 -5.57
C GLU A 203 -27.80 15.63 -4.81
N PRO A 204 -27.48 14.34 -4.54
CA PRO A 204 -28.32 13.35 -3.84
C PRO A 204 -28.90 13.79 -2.50
N PHE A 205 -28.15 14.59 -1.76
CA PHE A 205 -28.58 15.13 -0.47
C PHE A 205 -28.17 16.61 -0.52
N PRO A 206 -28.89 17.47 0.21
CA PRO A 206 -28.56 18.89 0.20
C PRO A 206 -27.11 19.24 0.53
N GLY A 207 -26.42 19.91 -0.40
CA GLY A 207 -25.03 20.27 -0.19
C GLY A 207 -23.97 19.20 -0.49
N LEU A 208 -24.38 17.96 -0.76
CA LEU A 208 -23.43 16.90 -1.09
C LEU A 208 -23.58 16.64 -2.59
N VAL A 209 -22.47 16.83 -3.31
CA VAL A 209 -22.46 16.70 -4.76
C VAL A 209 -21.53 15.64 -5.33
N GLY A 210 -21.63 15.46 -6.65
CA GLY A 210 -20.84 14.47 -7.36
C GLY A 210 -19.35 14.73 -7.34
N SER A 211 -18.58 13.77 -7.85
CA SER A 211 -17.13 13.88 -7.84
C SER A 211 -16.45 14.34 -9.13
N SER A 212 -17.23 14.56 -10.18
CA SER A 212 -16.70 14.98 -11.47
C SER A 212 -17.56 16.03 -12.15
N ILE A 213 -16.90 16.98 -12.83
CA ILE A 213 -17.62 18.04 -13.54
C ILE A 213 -17.14 18.14 -14.98
N ASN A 214 -18.08 18.15 -15.94
CA ASN A 214 -17.76 18.27 -17.36
C ASN A 214 -17.12 19.64 -17.61
N ILE A 215 -15.91 19.64 -18.17
CA ILE A 215 -15.18 20.86 -18.45
C ILE A 215 -15.84 21.67 -19.55
N ASN A 216 -16.64 20.98 -20.37
CA ASN A 216 -17.32 21.61 -21.49
C ASN A 216 -18.49 22.53 -21.12
N ASP A 217 -19.39 22.08 -20.25
CA ASP A 217 -20.55 22.88 -19.86
C ASP A 217 -20.76 23.15 -18.35
N GLY A 218 -19.94 22.56 -17.48
CA GLY A 218 -20.07 22.82 -16.05
C GLY A 218 -21.00 21.92 -15.27
N GLN A 219 -21.69 21.01 -15.97
CA GLN A 219 -22.60 20.06 -15.34
C GLN A 219 -21.77 18.94 -14.70
N PHE A 220 -22.25 18.38 -13.59
CA PHE A 220 -21.54 17.26 -12.94
C PHE A 220 -21.75 16.04 -13.83
N ALA A 221 -20.84 15.07 -13.74
CA ALA A 221 -20.93 13.86 -14.57
C ALA A 221 -21.19 12.53 -13.81
N ASP A 222 -21.29 12.60 -12.49
CA ASP A 222 -21.59 11.42 -11.68
C ASP A 222 -22.30 11.85 -10.40
N SER A 223 -22.84 10.89 -9.67
CA SER A 223 -23.55 11.20 -8.45
C SER A 223 -22.92 10.60 -7.18
N ARG A 224 -21.64 10.21 -7.28
CA ARG A 224 -20.90 9.64 -6.16
C ARG A 224 -20.53 10.73 -5.17
N VAL A 225 -20.93 10.54 -3.92
CA VAL A 225 -20.68 11.51 -2.86
C VAL A 225 -19.65 10.92 -1.90
N SER A 226 -18.75 11.76 -1.38
CA SER A 226 -17.71 11.30 -0.47
C SER A 226 -16.85 12.44 0.06
N TRP A 227 -16.14 12.18 1.16
CA TRP A 227 -15.24 13.15 1.78
C TRP A 227 -13.78 12.64 1.66
N ASN A 228 -13.57 11.59 0.86
CA ASN A 228 -12.25 11.00 0.66
C ASN A 228 -11.49 11.74 -0.43
N GLY A 229 -10.30 11.22 -0.74
CA GLY A 229 -9.46 11.82 -1.77
C GLY A 229 -10.24 12.02 -3.08
N GLY A 230 -10.01 13.15 -3.73
CA GLY A 230 -10.73 13.46 -4.95
C GLY A 230 -11.85 14.47 -4.66
N ASP A 231 -12.44 14.37 -3.46
CA ASP A 231 -13.54 15.25 -3.03
C ASP A 231 -13.16 16.18 -1.89
N ASP A 232 -12.65 15.60 -0.81
CA ASP A 232 -12.23 16.29 0.41
C ASP A 232 -12.13 17.81 0.51
N SER A 233 -11.01 18.40 0.08
CA SER A 233 -10.85 19.84 0.27
C SER A 233 -11.93 20.79 -0.31
N PHE A 234 -12.84 20.29 -1.13
CA PHE A 234 -13.89 21.16 -1.65
C PHE A 234 -14.70 21.66 -0.47
N TYR A 235 -15.19 20.71 0.34
CA TYR A 235 -16.01 21.05 1.50
C TYR A 235 -15.22 21.87 2.52
N GLU A 236 -13.92 21.58 2.64
CA GLU A 236 -13.02 22.26 3.56
C GLU A 236 -12.96 23.78 3.28
N TYR A 237 -12.85 24.14 2.00
CA TYR A 237 -12.74 25.54 1.60
C TYR A 237 -14.04 26.37 1.67
N LEU A 238 -15.20 25.70 1.63
CA LEU A 238 -16.48 26.41 1.74
C LEU A 238 -16.46 27.29 3.00
N ILE A 239 -16.22 26.67 4.15
CA ILE A 239 -16.22 27.36 5.43
C ILE A 239 -15.04 28.31 5.57
N LYS A 240 -13.86 27.85 5.16
CA LYS A 240 -12.64 28.68 5.25
C LYS A 240 -12.76 30.00 4.46
N MET A 241 -13.51 30.01 3.36
CA MET A 241 -13.70 31.24 2.58
C MET A 241 -14.56 32.24 3.37
N TYR A 242 -15.46 31.72 4.21
CA TYR A 242 -16.33 32.55 5.05
C TYR A 242 -15.44 33.23 6.09
N VAL A 243 -14.50 32.47 6.67
CA VAL A 243 -13.58 33.04 7.63
C VAL A 243 -12.66 34.07 6.96
N TYR A 244 -12.32 33.84 5.68
CA TYR A 244 -11.47 34.78 4.96
C TYR A 244 -12.17 36.14 4.80
N ASP A 245 -13.43 36.12 4.36
CA ASP A 245 -14.21 37.36 4.21
C ASP A 245 -15.68 37.00 4.33
N PRO A 246 -16.23 37.04 5.54
CA PRO A 246 -17.63 36.71 5.80
C PRO A 246 -18.58 37.60 4.99
N LYS A 247 -18.09 38.78 4.63
CA LYS A 247 -18.86 39.71 3.84
C LYS A 247 -19.09 39.07 2.48
N ARG A 248 -18.01 38.92 1.70
CA ARG A 248 -18.07 38.34 0.36
C ARG A 248 -18.51 36.89 0.19
N PHE A 249 -18.27 36.04 1.18
CA PHE A 249 -18.61 34.63 1.00
C PHE A 249 -19.65 34.01 1.92
N GLU A 250 -20.71 34.76 2.25
CA GLU A 250 -21.77 34.26 3.10
C GLU A 250 -22.46 33.08 2.41
N THR A 251 -22.49 33.11 1.08
CA THR A 251 -23.11 32.04 0.30
C THR A 251 -22.32 30.73 0.42
N TYR A 252 -21.00 30.81 0.48
CA TYR A 252 -20.15 29.62 0.64
C TYR A 252 -20.51 28.98 1.97
N LYS A 253 -20.59 29.84 2.98
CA LYS A 253 -20.95 29.43 4.34
C LYS A 253 -22.30 28.69 4.35
N ASP A 254 -23.26 29.20 3.59
CA ASP A 254 -24.57 28.55 3.56
C ASP A 254 -24.51 27.18 2.90
N ARG A 255 -23.68 27.04 1.88
CA ARG A 255 -23.54 25.77 1.19
C ARG A 255 -22.79 24.75 2.07
N TRP A 256 -21.93 25.22 2.96
CA TRP A 256 -21.20 24.30 3.85
C TRP A 256 -22.15 23.78 4.94
N VAL A 257 -23.01 24.66 5.45
CA VAL A 257 -23.97 24.31 6.51
C VAL A 257 -24.84 23.16 6.02
N LEU A 258 -25.37 23.25 4.80
CA LEU A 258 -26.21 22.18 4.26
C LEU A 258 -25.37 20.89 4.18
N ALA A 259 -24.16 21.01 3.68
CA ALA A 259 -23.29 19.85 3.55
C ALA A 259 -23.00 19.21 4.93
N ALA A 260 -22.70 20.03 5.93
CA ALA A 260 -22.43 19.52 7.26
C ALA A 260 -23.64 18.73 7.80
N GLU A 261 -24.83 19.32 7.67
CA GLU A 261 -26.06 18.67 8.16
C GLU A 261 -26.45 17.39 7.42
N SER A 262 -26.31 17.36 6.10
CA SER A 262 -26.64 16.13 5.37
C SER A 262 -25.64 15.02 5.73
N THR A 263 -24.39 15.40 5.99
CA THR A 263 -23.35 14.45 6.36
C THR A 263 -23.67 13.83 7.75
N ILE A 264 -24.13 14.63 8.69
CA ILE A 264 -24.48 14.07 10.01
C ILE A 264 -25.67 13.14 9.86
N LYS A 265 -26.62 13.51 9.02
CA LYS A 265 -27.82 12.71 8.79
C LYS A 265 -27.66 11.46 7.91
N HIS A 266 -26.73 11.45 6.95
CA HIS A 266 -26.58 10.31 6.05
C HIS A 266 -25.22 9.58 5.96
N LEU A 267 -24.11 10.32 5.99
CA LEU A 267 -22.78 9.71 5.90
C LEU A 267 -22.24 9.11 7.20
N LYS A 268 -22.77 9.56 8.33
CA LYS A 268 -22.37 9.07 9.66
C LYS A 268 -22.47 7.55 9.71
N SER A 269 -21.48 6.89 10.31
CA SER A 269 -21.47 5.43 10.36
C SER A 269 -20.79 4.85 11.61
N HIS A 270 -21.41 3.83 12.20
CA HIS A 270 -20.91 3.16 13.40
C HIS A 270 -20.64 1.67 13.13
N PRO A 271 -19.40 1.20 13.32
CA PRO A 271 -19.08 -0.22 13.06
C PRO A 271 -19.86 -1.14 14.04
N LYS A 272 -20.38 -2.24 13.51
CA LYS A 272 -21.16 -3.18 14.33
C LYS A 272 -20.44 -3.66 15.59
N SER A 273 -19.15 -3.97 15.48
CA SER A 273 -18.40 -4.44 16.65
C SER A 273 -18.07 -3.32 17.65
N ARG A 274 -17.97 -2.10 17.15
CA ARG A 274 -17.66 -0.95 18.00
C ARG A 274 -18.61 0.22 17.77
N PRO A 275 -19.84 0.09 18.26
CA PRO A 275 -20.94 1.08 18.17
C PRO A 275 -20.61 2.44 18.75
N ASP A 276 -19.61 2.51 19.62
CA ASP A 276 -19.24 3.79 20.20
C ASP A 276 -18.26 4.58 19.31
N LEU A 277 -17.89 4.02 18.15
CA LEU A 277 -17.00 4.70 17.23
C LEU A 277 -17.77 5.26 16.02
N THR A 278 -17.31 6.39 15.48
CA THR A 278 -17.95 7.03 14.34
C THR A 278 -16.96 7.30 13.22
N PHE A 279 -17.38 7.02 11.99
CA PHE A 279 -16.61 7.27 10.77
C PHE A 279 -17.62 7.80 9.76
N LEU A 280 -17.13 8.28 8.62
CA LEU A 280 -17.99 8.74 7.55
C LEU A 280 -17.89 7.67 6.49
N SER A 281 -18.98 7.39 5.79
CA SER A 281 -19.00 6.41 4.71
C SER A 281 -19.17 7.15 3.38
N SER A 282 -19.14 6.40 2.29
CA SER A 282 -19.32 6.95 0.94
C SER A 282 -20.71 6.57 0.46
N TYR A 283 -21.23 7.30 -0.53
CA TYR A 283 -22.59 7.04 -1.03
C TYR A 283 -22.72 7.09 -2.56
N SER A 284 -23.35 6.05 -3.13
CA SER A 284 -23.54 5.99 -4.56
C SER A 284 -24.89 5.37 -4.96
N ASN A 285 -25.79 6.22 -5.47
CA ASN A 285 -27.11 5.77 -5.87
C ASN A 285 -27.74 4.81 -4.85
N ARG A 286 -27.88 5.26 -3.61
CA ARG A 286 -28.51 4.48 -2.54
C ARG A 286 -27.67 3.43 -1.79
N ASN A 287 -26.46 3.14 -2.27
CA ASN A 287 -25.59 2.18 -1.59
C ASN A 287 -24.52 2.88 -0.75
N TYR A 288 -24.30 2.39 0.46
CA TYR A 288 -23.32 2.96 1.37
C TYR A 288 -22.06 2.10 1.46
N ASP A 289 -20.92 2.68 1.07
CA ASP A 289 -19.62 1.99 1.10
C ASP A 289 -18.96 2.31 2.43
N LEU A 290 -18.83 1.29 3.28
CA LEU A 290 -18.24 1.45 4.61
C LEU A 290 -16.71 1.34 4.72
N SER A 291 -16.00 2.33 4.19
CA SER A 291 -14.53 2.37 4.27
C SER A 291 -14.10 3.84 4.20
N SER A 292 -12.92 4.15 4.73
CA SER A 292 -12.43 5.53 4.72
C SER A 292 -10.90 5.61 4.54
N GLN A 293 -10.37 6.83 4.52
CA GLN A 293 -8.93 7.02 4.35
C GLN A 293 -8.32 7.88 5.46
N HIS A 294 -7.01 7.88 5.57
CA HIS A 294 -6.37 8.73 6.55
C HIS A 294 -6.73 10.18 6.17
N LEU A 295 -6.63 10.50 4.88
CA LEU A 295 -6.96 11.82 4.30
C LEU A 295 -8.25 12.42 4.82
N THR A 296 -9.25 11.55 4.92
CA THR A 296 -10.58 11.92 5.35
C THR A 296 -10.66 12.45 6.78
N CYS A 297 -9.66 12.14 7.61
CA CYS A 297 -9.68 12.60 8.99
C CYS A 297 -9.59 14.12 9.15
N PHE A 298 -9.41 14.82 8.02
CA PHE A 298 -9.39 16.28 8.06
C PHE A 298 -10.83 16.66 8.46
N ASP A 299 -11.75 15.73 8.31
CA ASP A 299 -13.14 16.05 8.60
C ASP A 299 -13.53 16.61 9.98
N GLY A 300 -13.03 16.01 11.06
CA GLY A 300 -13.36 16.53 12.38
C GLY A 300 -12.97 18.00 12.53
N GLY A 301 -11.81 18.35 11.99
CA GLY A 301 -11.31 19.73 12.06
C GLY A 301 -12.16 20.76 11.34
N SER A 302 -12.83 20.35 10.28
CA SER A 302 -13.71 21.24 9.54
C SER A 302 -14.98 21.47 10.38
N PHE A 303 -15.56 20.39 10.88
CA PHE A 303 -16.75 20.51 11.72
C PHE A 303 -16.48 21.38 12.94
N LEU A 304 -15.30 21.22 13.53
CA LEU A 304 -14.93 22.00 14.71
C LEU A 304 -14.74 23.48 14.36
N LEU A 305 -14.17 23.77 13.19
CA LEU A 305 -13.98 25.16 12.77
C LEU A 305 -15.35 25.82 12.47
N GLY A 306 -16.19 25.18 11.65
CA GLY A 306 -17.50 25.73 11.34
C GLY A 306 -18.31 25.84 12.62
N GLY A 307 -18.05 24.89 13.52
CA GLY A 307 -18.74 24.86 14.81
C GLY A 307 -18.51 26.07 15.68
N THR A 308 -17.25 26.42 15.94
CA THR A 308 -16.95 27.56 16.78
C THR A 308 -17.29 28.89 16.11
N VAL A 309 -17.02 29.01 14.81
CA VAL A 309 -17.32 30.25 14.10
C VAL A 309 -18.82 30.54 14.06
N LEU A 310 -19.64 29.51 13.84
CA LEU A 310 -21.10 29.67 13.77
C LEU A 310 -21.84 29.40 15.08
N ASP A 311 -21.10 29.21 16.17
CA ASP A 311 -21.67 28.90 17.48
C ASP A 311 -22.76 27.83 17.38
N ARG A 312 -22.40 26.71 16.77
CA ARG A 312 -23.28 25.54 16.59
C ARG A 312 -22.70 24.38 17.41
N GLN A 313 -23.16 24.20 18.65
CA GLN A 313 -22.66 23.14 19.51
C GLN A 313 -22.81 21.75 18.89
N ASP A 314 -23.82 21.57 18.05
CA ASP A 314 -24.02 20.26 17.41
C ASP A 314 -22.92 19.91 16.40
N PHE A 315 -22.34 20.91 15.73
CA PHE A 315 -21.26 20.64 14.77
C PHE A 315 -19.97 20.36 15.53
N ILE A 316 -19.76 21.06 16.64
CA ILE A 316 -18.59 20.86 17.50
C ILE A 316 -18.63 19.43 18.06
N ASP A 317 -19.80 19.01 18.53
CA ASP A 317 -19.98 17.67 19.07
C ASP A 317 -19.70 16.59 18.05
N PHE A 318 -20.22 16.77 16.84
CA PHE A 318 -20.03 15.78 15.77
C PHE A 318 -18.56 15.71 15.32
N GLY A 319 -17.88 16.85 15.41
CA GLY A 319 -16.47 16.93 15.06
C GLY A 319 -15.59 16.13 16.00
N LEU A 320 -15.88 16.21 17.30
CA LEU A 320 -15.14 15.49 18.33
C LEU A 320 -15.29 13.98 18.17
N GLU A 321 -16.46 13.54 17.71
CA GLU A 321 -16.70 12.11 17.47
C GLU A 321 -15.84 11.60 16.32
N LEU A 322 -15.67 12.43 15.29
CA LEU A 322 -14.85 12.05 14.13
C LEU A 322 -13.39 12.02 14.62
N VAL A 323 -13.03 12.97 15.48
CA VAL A 323 -11.70 13.02 16.04
C VAL A 323 -11.42 11.72 16.83
N ASP A 324 -12.39 11.26 17.63
CA ASP A 324 -12.25 10.00 18.41
C ASP A 324 -12.07 8.79 17.52
N GLY A 325 -12.82 8.77 16.41
CA GLY A 325 -12.74 7.67 15.48
C GLY A 325 -11.34 7.59 14.90
N CYS A 326 -10.81 8.75 14.50
CA CYS A 326 -9.48 8.81 13.93
C CYS A 326 -8.41 8.50 14.99
N GLU A 327 -8.63 8.95 16.22
CA GLU A 327 -7.67 8.65 17.28
C GLU A 327 -7.66 7.12 17.43
N ALA A 328 -8.83 6.52 17.28
CA ALA A 328 -8.94 5.08 17.41
C ALA A 328 -8.06 4.33 16.43
N THR A 329 -8.03 4.78 15.17
CA THR A 329 -7.20 4.08 14.17
C THR A 329 -5.72 4.22 14.52
N TYR A 330 -5.38 5.27 15.25
CA TYR A 330 -3.99 5.49 15.64
C TYR A 330 -3.58 4.62 16.83
N ASN A 331 -4.26 4.74 17.97
CA ASN A 331 -3.87 3.94 19.14
C ASN A 331 -4.22 2.44 19.13
N SER A 332 -4.65 1.90 17.99
CA SER A 332 -4.99 0.48 17.91
C SER A 332 -3.88 -0.32 17.26
N THR A 333 -2.91 0.36 16.65
CA THR A 333 -1.81 -0.32 15.99
C THR A 333 -0.61 -0.43 16.91
N LEU A 334 0.33 -1.27 16.51
CA LEU A 334 1.56 -1.49 17.27
C LEU A 334 2.46 -0.23 17.40
N THR A 335 2.60 0.52 16.30
CA THR A 335 3.43 1.73 16.31
C THR A 335 2.73 2.97 16.87
N LYS A 336 1.40 2.92 16.95
CA LYS A 336 0.58 4.03 17.44
C LYS A 336 0.38 5.14 16.37
N ILE A 337 0.52 4.76 15.10
CA ILE A 337 0.30 5.63 13.95
C ILE A 337 -0.81 4.90 13.17
N GLY A 338 -1.79 5.63 12.63
CA GLY A 338 -2.88 5.00 11.90
C GLY A 338 -2.63 4.66 10.43
N PRO A 339 -3.42 3.71 9.87
CA PRO A 339 -3.33 3.25 8.48
C PRO A 339 -3.89 4.22 7.44
N ASP A 340 -3.48 4.01 6.20
CA ASP A 340 -3.91 4.82 5.07
C ASP A 340 -5.38 4.62 4.73
N SER A 341 -5.84 3.37 4.71
CA SER A 341 -7.24 3.09 4.42
C SER A 341 -7.71 1.94 5.30
N TRP A 342 -9.01 1.88 5.53
CA TRP A 342 -9.61 0.84 6.35
C TRP A 342 -11.10 0.69 6.05
N GLY A 343 -11.69 -0.36 6.63
CA GLY A 343 -13.11 -0.63 6.42
C GLY A 343 -13.79 -1.20 7.65
N TRP A 344 -15.13 -1.21 7.64
CA TRP A 344 -15.89 -1.74 8.75
C TRP A 344 -17.17 -2.45 8.31
N ASP A 345 -17.19 -2.93 7.07
CA ASP A 345 -18.34 -3.64 6.53
C ASP A 345 -18.39 -5.04 7.13
N PRO A 346 -19.41 -5.33 7.98
CA PRO A 346 -19.57 -6.64 8.63
C PRO A 346 -19.53 -7.83 7.69
N LYS A 347 -19.93 -7.60 6.44
CA LYS A 347 -19.97 -8.67 5.46
C LYS A 347 -18.67 -8.90 4.71
N LYS A 348 -17.65 -8.08 4.97
CA LYS A 348 -16.38 -8.23 4.26
C LYS A 348 -15.13 -8.34 5.15
N VAL A 349 -15.30 -8.47 6.46
CA VAL A 349 -14.16 -8.58 7.37
C VAL A 349 -13.25 -9.77 7.10
N PRO A 350 -11.97 -9.50 6.78
CA PRO A 350 -11.02 -10.59 6.52
C PRO A 350 -10.85 -11.52 7.73
N SER A 351 -10.95 -12.83 7.49
CA SER A 351 -10.84 -13.86 8.52
C SER A 351 -9.59 -13.76 9.41
N ASP A 352 -8.49 -13.32 8.81
CA ASP A 352 -7.23 -13.16 9.53
C ASP A 352 -7.28 -11.96 10.48
N GLN A 353 -8.15 -10.99 10.16
CA GLN A 353 -8.28 -9.79 10.99
C GLN A 353 -9.49 -9.87 11.90
N LYS A 354 -10.26 -10.95 11.77
CA LYS A 354 -11.45 -11.15 12.57
C LYS A 354 -11.28 -10.69 14.03
N GLU A 355 -10.24 -11.20 14.70
CA GLU A 355 -9.97 -10.82 16.10
C GLU A 355 -9.80 -9.32 16.26
N PHE A 356 -8.94 -8.74 15.42
CA PHE A 356 -8.62 -7.31 15.43
C PHE A 356 -9.86 -6.46 15.20
N TYR A 357 -10.60 -6.75 14.14
CA TYR A 357 -11.83 -6.01 13.83
C TYR A 357 -12.77 -6.04 15.03
N GLU A 358 -12.93 -7.21 15.63
CA GLU A 358 -13.81 -7.37 16.78
C GLU A 358 -13.51 -6.45 17.95
N LYS A 359 -12.23 -6.17 18.18
CA LYS A 359 -11.86 -5.31 19.31
C LYS A 359 -11.61 -3.83 18.99
N ALA A 360 -11.00 -3.57 17.83
CA ALA A 360 -10.66 -2.19 17.43
C ALA A 360 -11.82 -1.48 16.74
N GLY A 361 -12.58 -2.21 15.94
CA GLY A 361 -13.72 -1.65 15.24
C GLY A 361 -13.51 -1.53 13.75
N PHE A 362 -12.39 -2.00 13.24
CA PHE A 362 -12.14 -1.90 11.82
C PHE A 362 -11.10 -2.91 11.38
N TYR A 363 -10.96 -3.07 10.07
CA TYR A 363 -9.96 -3.97 9.52
C TYR A 363 -9.12 -3.12 8.58
N ILE A 364 -7.81 -3.35 8.56
CA ILE A 364 -6.88 -2.55 7.75
C ILE A 364 -6.82 -2.94 6.29
N SER A 365 -6.87 -1.94 5.40
CA SER A 365 -6.82 -2.20 3.96
C SER A 365 -5.44 -1.92 3.40
N SER A 366 -4.85 -0.80 3.85
CA SER A 366 -3.52 -0.39 3.41
C SER A 366 -2.85 0.09 4.69
N GLY A 367 -1.86 -0.67 5.15
CA GLY A 367 -1.17 -0.32 6.38
C GLY A 367 -0.05 0.71 6.30
N SER A 368 0.18 1.32 5.15
CA SER A 368 1.27 2.28 5.04
C SER A 368 0.93 3.67 5.60
N TYR A 369 1.97 4.46 5.88
CA TYR A 369 1.79 5.81 6.41
C TYR A 369 2.78 6.67 5.64
N VAL A 370 2.28 7.60 4.82
CA VAL A 370 3.17 8.42 4.02
C VAL A 370 3.46 9.81 4.61
N LEU A 371 3.62 9.83 5.93
CA LEU A 371 3.93 11.05 6.66
C LEU A 371 2.82 12.09 6.53
N ARG A 372 1.57 11.64 6.55
CA ARG A 372 0.41 12.53 6.45
C ARG A 372 0.07 13.26 7.76
N PRO A 373 -0.57 14.44 7.67
CA PRO A 373 -0.94 15.25 8.83
C PRO A 373 -2.40 15.43 9.16
N GLU A 374 -3.30 14.90 8.34
CA GLU A 374 -4.74 15.11 8.56
C GLU A 374 -5.26 14.79 9.95
N VAL A 375 -4.68 13.81 10.63
CA VAL A 375 -5.16 13.50 11.97
C VAL A 375 -4.65 14.46 13.04
N ILE A 376 -3.36 14.80 12.98
CA ILE A 376 -2.74 15.73 13.91
C ILE A 376 -3.46 17.08 13.73
N GLU A 377 -3.71 17.44 12.48
CA GLU A 377 -4.43 18.68 12.13
C GLU A 377 -5.72 18.80 12.95
N SER A 378 -6.61 17.82 12.82
CA SER A 378 -7.88 17.84 13.53
C SER A 378 -7.73 17.73 15.06
N PHE A 379 -6.71 17.03 15.52
CA PHE A 379 -6.44 16.92 16.94
C PHE A 379 -6.10 18.35 17.38
N TYR A 380 -5.42 19.10 16.50
CA TYR A 380 -5.04 20.49 16.83
C TYR A 380 -6.23 21.44 16.93
N TYR A 381 -7.24 21.27 16.08
CA TYR A 381 -8.41 22.15 16.16
C TYR A 381 -9.24 21.82 17.40
N ALA A 382 -9.35 20.55 17.74
CA ALA A 382 -10.13 20.18 18.92
C ALA A 382 -9.56 20.84 20.17
N HIS A 383 -8.23 20.81 20.31
CA HIS A 383 -7.60 21.43 21.46
C HIS A 383 -7.80 22.95 21.48
N ARG A 384 -7.69 23.59 20.33
CA ARG A 384 -7.87 25.05 20.24
C ARG A 384 -9.32 25.49 20.52
N VAL A 385 -10.29 24.70 20.08
CA VAL A 385 -11.71 25.00 20.26
C VAL A 385 -12.27 24.68 21.66
N THR A 386 -11.99 23.49 22.18
CA THR A 386 -12.47 23.11 23.52
C THR A 386 -11.54 23.56 24.65
N GLY A 387 -10.24 23.51 24.40
CA GLY A 387 -9.29 23.89 25.43
C GLY A 387 -8.88 22.69 26.28
N LYS A 388 -9.32 21.50 25.92
CA LYS A 388 -8.96 20.33 26.69
C LYS A 388 -7.55 19.84 26.39
N GLU A 389 -6.87 19.45 27.46
CA GLU A 389 -5.50 18.97 27.43
C GLU A 389 -5.33 17.59 26.76
N ILE A 390 -6.39 16.79 26.79
CA ILE A 390 -6.36 15.45 26.21
C ILE A 390 -6.00 15.54 24.71
N TYR A 391 -6.53 16.54 24.01
CA TYR A 391 -6.27 16.68 22.57
C TYR A 391 -4.84 17.10 22.28
N ARG A 392 -4.27 17.92 23.16
CA ARG A 392 -2.89 18.34 23.01
C ARG A 392 -1.99 17.09 23.17
N ASP A 393 -2.30 16.26 24.16
CA ASP A 393 -1.55 15.02 24.44
C ASP A 393 -1.60 14.01 23.29
N TRP A 394 -2.72 13.99 22.57
CA TRP A 394 -2.89 13.08 21.43
C TRP A 394 -1.99 13.52 20.27
N VAL A 395 -1.74 14.82 20.18
CA VAL A 395 -0.85 15.38 19.15
C VAL A 395 0.57 14.92 19.52
N TRP A 396 0.95 15.04 20.80
CA TRP A 396 2.29 14.62 21.23
C TRP A 396 2.53 13.11 21.06
N ASN A 397 1.55 12.27 21.40
CA ASN A 397 1.76 10.84 21.23
C ASN A 397 2.01 10.50 19.75
N ALA A 398 1.22 11.09 18.86
CA ALA A 398 1.39 10.85 17.42
C ALA A 398 2.76 11.34 16.97
N PHE A 399 3.09 12.58 17.29
CA PHE A 399 4.40 13.16 16.93
C PHE A 399 5.57 12.27 17.37
N VAL A 400 5.52 11.81 18.63
CA VAL A 400 6.57 10.93 19.16
C VAL A 400 6.55 9.58 18.46
N ALA A 401 5.37 9.04 18.16
CA ALA A 401 5.32 7.76 17.48
C ALA A 401 6.02 7.87 16.11
N ILE A 402 5.85 9.02 15.44
CA ILE A 402 6.46 9.22 14.11
C ILE A 402 7.98 9.36 14.15
N ASN A 403 8.46 10.10 15.15
CA ASN A 403 9.87 10.38 15.34
C ASN A 403 10.64 9.10 15.67
N SER A 404 10.00 8.13 16.32
CA SER A 404 10.73 6.91 16.66
C SER A 404 10.58 5.86 15.55
N THR A 405 9.48 5.89 14.83
CA THR A 405 9.22 4.91 13.77
C THR A 405 9.79 5.28 12.40
N CYS A 406 9.68 6.56 12.02
CA CYS A 406 10.07 7.05 10.70
C CYS A 406 11.43 7.75 10.50
N ARG A 407 12.07 8.16 11.59
CA ARG A 407 13.33 8.89 11.49
C ARG A 407 14.52 8.11 10.93
N THR A 408 15.32 8.77 10.11
CA THR A 408 16.54 8.21 9.51
C THR A 408 17.68 9.21 9.81
N ASP A 409 18.87 8.93 9.29
CA ASP A 409 20.01 9.81 9.51
C ASP A 409 19.84 11.18 8.88
N SER A 410 19.07 11.25 7.80
CA SER A 410 18.88 12.52 7.11
C SER A 410 17.53 13.19 7.35
N GLY A 411 16.47 12.39 7.55
CA GLY A 411 15.15 12.98 7.79
C GLY A 411 14.12 11.96 8.30
N PHE A 412 12.99 11.89 7.62
CA PHE A 412 11.93 10.94 7.97
C PHE A 412 11.47 10.21 6.72
N ALA A 413 11.10 8.94 6.87
CA ALA A 413 10.63 8.17 5.73
C ALA A 413 9.23 7.60 5.92
N ALA A 414 8.52 7.45 4.81
CA ALA A 414 7.18 6.86 4.82
C ALA A 414 7.44 5.41 5.20
N VAL A 415 6.41 4.72 5.67
CA VAL A 415 6.61 3.36 6.11
C VAL A 415 5.54 2.40 5.54
N SER A 416 5.87 1.12 5.38
CA SER A 416 4.89 0.19 4.80
C SER A 416 3.77 -0.39 5.65
N ASP A 417 3.97 -0.57 6.95
CA ASP A 417 2.94 -1.20 7.77
C ASP A 417 2.96 -0.74 9.23
N VAL A 418 2.02 0.14 9.57
CA VAL A 418 1.95 0.68 10.92
C VAL A 418 1.60 -0.34 11.98
N ASN A 419 1.36 -1.59 11.57
CA ASN A 419 1.01 -2.61 12.55
C ASN A 419 2.12 -3.67 12.67
N LYS A 420 3.33 -3.30 12.29
CA LYS A 420 4.49 -4.17 12.39
C LYS A 420 5.62 -3.40 13.06
N ALA A 421 6.50 -4.12 13.75
CA ALA A 421 7.62 -3.48 14.42
C ALA A 421 8.38 -2.56 13.48
N ASN A 422 8.66 -1.34 13.94
CA ASN A 422 9.40 -0.36 13.15
C ASN A 422 8.67 0.05 11.86
N GLY A 423 7.41 -0.34 11.73
CA GLY A 423 6.64 0.03 10.55
C GLY A 423 6.92 -0.83 9.33
N GLY A 424 7.46 -2.03 9.55
CA GLY A 424 7.75 -2.90 8.42
C GLY A 424 9.03 -2.49 7.71
N SER A 425 8.88 -1.77 6.59
CA SER A 425 10.02 -1.28 5.82
C SER A 425 9.79 0.20 5.51
N LYS A 426 10.87 0.97 5.43
CA LYS A 426 10.76 2.39 5.11
C LYS A 426 10.80 2.55 3.57
N TYR A 427 10.04 3.53 3.09
CA TYR A 427 9.95 3.89 1.67
C TYR A 427 11.01 4.95 1.49
N ASP A 428 11.64 5.01 0.33
CA ASP A 428 12.62 6.05 0.08
C ASP A 428 11.83 7.30 -0.36
N ASN A 429 11.04 7.85 0.57
CA ASN A 429 10.21 9.01 0.24
C ASN A 429 9.92 9.93 1.43
N GLN A 430 10.03 11.25 1.20
CA GLN A 430 9.73 12.29 2.20
C GLN A 430 9.01 13.48 1.52
N GLU A 431 7.68 13.52 1.59
CA GLU A 431 6.88 14.59 0.96
C GLU A 431 7.10 15.93 1.65
N SER A 432 6.97 17.03 0.88
CA SER A 432 7.17 18.37 1.42
C SER A 432 6.17 18.76 2.51
N PHE A 433 5.04 18.06 2.59
CA PHE A 433 4.10 18.41 3.64
C PHE A 433 4.59 17.95 5.03
N LEU A 434 5.75 17.30 5.06
CA LEU A 434 6.39 16.89 6.34
C LEU A 434 6.82 18.21 7.00
N PHE A 435 7.38 19.11 6.20
CA PHE A 435 7.83 20.43 6.67
C PHE A 435 6.68 21.40 6.88
N ALA A 436 5.75 21.41 5.93
CA ALA A 436 4.63 22.34 5.99
C ALA A 436 3.56 22.01 7.03
N GLU A 437 3.08 20.78 7.03
CA GLU A 437 2.02 20.36 7.92
C GLU A 437 2.37 19.56 9.17
N VAL A 438 3.11 18.47 9.01
CA VAL A 438 3.41 17.66 10.21
C VAL A 438 4.14 18.43 11.32
N MET A 439 5.18 19.17 10.95
CA MET A 439 5.94 19.95 11.89
C MET A 439 5.24 21.22 12.36
N LYS A 440 4.35 21.78 11.54
CA LYS A 440 3.69 23.00 11.99
C LYS A 440 2.58 22.72 13.01
N TYR A 441 1.70 21.77 12.73
CA TYR A 441 0.61 21.48 13.66
C TYR A 441 1.15 20.93 14.97
N SER A 442 2.16 20.06 14.90
CA SER A 442 2.73 19.49 16.10
C SER A 442 3.30 20.62 16.97
N TYR A 443 4.03 21.55 16.34
CA TYR A 443 4.60 22.68 17.08
C TYR A 443 3.54 23.65 17.65
N LEU A 444 2.62 24.10 16.80
CA LEU A 444 1.59 25.05 17.21
C LEU A 444 0.78 24.54 18.40
N ALA A 445 0.62 23.23 18.51
CA ALA A 445 -0.13 22.62 19.61
C ALA A 445 0.53 22.81 20.99
N HIS A 446 1.84 23.03 21.02
CA HIS A 446 2.52 23.22 22.30
C HIS A 446 3.15 24.60 22.47
N SER A 447 3.05 25.44 21.44
CA SER A 447 3.65 26.78 21.46
C SER A 447 2.78 27.93 21.95
N GLU A 448 3.41 29.08 22.19
CA GLU A 448 2.70 30.26 22.67
C GLU A 448 1.62 30.78 21.72
N ASP A 449 0.61 31.43 22.30
CA ASP A 449 -0.48 31.96 21.49
C ASP A 449 0.05 33.11 20.62
N ALA A 450 -0.60 33.33 19.49
CA ALA A 450 -0.20 34.39 18.58
C ALA A 450 -1.32 34.56 17.57
N ALA A 451 -1.20 35.56 16.72
CA ALA A 451 -2.21 35.84 15.71
C ALA A 451 -2.45 34.65 14.77
N TRP A 452 -1.38 33.93 14.41
CA TRP A 452 -1.47 32.79 13.51
C TRP A 452 -2.11 31.54 14.13
N GLN A 453 -2.31 31.52 15.44
CA GLN A 453 -2.96 30.36 16.05
C GLN A 453 -4.44 30.37 15.67
N VAL A 454 -5.04 29.19 15.55
CA VAL A 454 -6.47 29.13 15.25
C VAL A 454 -7.19 29.69 16.48
N GLN A 455 -8.28 30.40 16.24
CA GLN A 455 -9.03 31.00 17.36
C GLN A 455 -10.50 30.58 17.36
N LYS A 456 -11.15 30.85 18.48
CA LYS A 456 -12.57 30.55 18.69
C LYS A 456 -13.48 31.66 18.16
N GLY A 457 -14.76 31.33 17.99
CA GLY A 457 -15.74 32.28 17.51
C GLY A 457 -15.40 32.99 16.20
N GLY A 458 -15.47 34.32 16.23
CA GLY A 458 -15.17 35.10 15.04
C GLY A 458 -13.87 35.85 15.21
N LYS A 459 -13.03 35.36 16.10
CA LYS A 459 -11.76 36.03 16.38
C LYS A 459 -10.57 35.71 15.48
N ASN A 460 -10.74 34.86 14.46
CA ASN A 460 -9.62 34.50 13.60
C ASN A 460 -9.14 35.64 12.70
N THR A 461 -7.84 35.91 12.74
CA THR A 461 -7.26 36.92 11.84
C THR A 461 -6.46 36.24 10.72
N PHE A 462 -6.22 34.93 10.87
CA PHE A 462 -5.53 34.14 9.83
C PHE A 462 -6.42 32.93 9.48
N VAL A 463 -6.20 32.34 8.32
CA VAL A 463 -6.96 31.16 7.93
C VAL A 463 -6.02 30.22 7.17
N TYR A 464 -5.97 28.96 7.62
CA TYR A 464 -5.08 27.97 6.99
C TYR A 464 -5.57 27.39 5.67
N ASN A 465 -4.65 27.28 4.70
CA ASN A 465 -4.98 26.68 3.40
C ASN A 465 -4.88 25.17 3.65
N THR A 466 -5.16 24.36 2.64
CA THR A 466 -5.14 22.92 2.83
C THR A 466 -3.73 22.32 3.02
N GLU A 467 -2.70 23.12 2.78
CA GLU A 467 -1.33 22.65 2.96
C GLU A 467 -0.74 23.32 4.23
N ALA A 468 -1.62 23.70 5.16
CA ALA A 468 -1.23 24.33 6.43
C ALA A 468 -0.53 25.72 6.35
N HIS A 469 -0.72 26.45 5.25
CA HIS A 469 -0.13 27.77 5.10
C HIS A 469 -1.17 28.80 5.52
N PRO A 470 -0.91 29.50 6.63
CA PRO A 470 -1.86 30.51 7.11
C PRO A 470 -1.89 31.77 6.23
N ILE A 471 -3.10 32.23 5.93
CA ILE A 471 -3.33 33.40 5.10
C ILE A 471 -4.03 34.48 5.92
N SER A 472 -3.57 35.72 5.81
CA SER A 472 -4.20 36.82 6.54
C SER A 472 -5.62 36.96 6.01
N VAL A 473 -6.62 37.16 6.89
CA VAL A 473 -8.01 37.33 6.44
C VAL A 473 -8.15 38.73 5.82
N ALA A 474 -8.96 38.82 4.78
CA ALA A 474 -9.22 40.05 4.03
C ALA A 474 -9.50 41.31 4.83
N ARG A 475 -9.30 42.46 4.18
N ARG A 475 -9.31 42.44 4.16
CA ARG A 475 -9.53 43.76 4.80
CA ARG A 475 -9.54 43.78 4.69
C ARG A 475 -9.48 43.74 6.32
C ARG A 475 -9.39 43.89 6.20
N SER B 1 18.78 -16.89 -28.99
CA SER B 1 17.93 -15.91 -28.24
C SER B 1 17.57 -16.45 -26.86
N ASN B 2 16.60 -17.36 -26.80
CA ASN B 2 16.19 -17.95 -25.52
C ASN B 2 17.42 -18.30 -24.72
N GLN B 3 18.49 -18.68 -25.42
CA GLN B 3 19.73 -19.03 -24.76
C GLN B 3 20.36 -17.78 -24.15
N ALA B 4 20.18 -16.65 -24.83
CA ALA B 4 20.70 -15.36 -24.38
C ALA B 4 19.85 -14.88 -23.20
N LYS B 5 18.54 -14.88 -23.41
CA LYS B 5 17.60 -14.45 -22.41
C LYS B 5 17.86 -15.19 -21.10
N ALA B 6 18.08 -16.50 -21.21
CA ALA B 6 18.33 -17.30 -20.02
C ALA B 6 19.55 -16.76 -19.29
N ASP B 7 20.57 -16.38 -20.04
CA ASP B 7 21.79 -15.85 -19.45
C ASP B 7 21.49 -14.49 -18.85
N ALA B 8 20.65 -13.72 -19.51
CA ALA B 8 20.28 -12.40 -19.02
C ALA B 8 19.69 -12.55 -17.62
N VAL B 9 19.03 -13.70 -17.38
CA VAL B 9 18.42 -13.96 -16.08
C VAL B 9 19.43 -14.35 -15.02
N LYS B 10 20.43 -15.15 -15.40
CA LYS B 10 21.46 -15.56 -14.44
C LYS B 10 22.24 -14.36 -13.96
N GLU B 11 22.40 -13.37 -14.83
CA GLU B 11 23.13 -12.15 -14.46
C GLU B 11 22.35 -11.38 -13.40
N ALA B 12 21.03 -11.36 -13.54
CA ALA B 12 20.19 -10.66 -12.58
C ALA B 12 20.33 -11.30 -11.19
N PHE B 13 20.37 -12.62 -11.17
CA PHE B 13 20.52 -13.39 -9.94
C PHE B 13 21.91 -13.13 -9.34
N GLN B 14 22.92 -13.07 -10.19
CA GLN B 14 24.29 -12.84 -9.72
C GLN B 14 24.37 -11.44 -9.08
N HIS B 15 23.83 -10.46 -9.79
CA HIS B 15 23.80 -9.09 -9.31
C HIS B 15 23.30 -9.03 -7.84
N ALA B 16 22.13 -9.62 -7.59
CA ALA B 16 21.56 -9.58 -6.24
C ALA B 16 22.40 -10.40 -5.27
N TRP B 17 22.88 -11.56 -5.70
CA TRP B 17 23.69 -12.37 -4.81
C TRP B 17 24.95 -11.62 -4.38
N ASN B 18 25.54 -10.86 -5.30
CA ASN B 18 26.74 -10.11 -4.97
C ASN B 18 26.46 -9.08 -3.86
N GLY B 19 25.41 -8.30 -4.03
CA GLY B 19 25.05 -7.30 -3.04
C GLY B 19 24.76 -7.89 -1.69
N TYR B 20 24.03 -9.00 -1.68
CA TYR B 20 23.68 -9.69 -0.46
C TYR B 20 24.93 -10.21 0.26
N MET B 21 25.82 -10.83 -0.50
CA MET B 21 27.03 -11.36 0.10
C MET B 21 27.85 -10.20 0.69
N LYS B 22 27.94 -9.10 -0.07
CA LYS B 22 28.72 -7.95 0.37
C LYS B 22 28.17 -7.14 1.54
N TYR B 23 26.87 -6.91 1.58
CA TYR B 23 26.27 -6.11 2.65
C TYR B 23 25.52 -6.80 3.78
N ALA B 24 24.92 -7.96 3.53
CA ALA B 24 24.12 -8.61 4.58
C ALA B 24 24.42 -10.05 5.04
N PHE B 25 25.14 -10.83 4.25
CA PHE B 25 25.43 -12.21 4.65
C PHE B 25 26.13 -12.27 6.01
N PRO B 26 25.70 -13.17 6.92
CA PRO B 26 24.63 -14.17 6.86
C PRO B 26 23.27 -13.79 7.43
N HIS B 27 22.93 -12.51 7.46
CA HIS B 27 21.61 -12.08 7.94
C HIS B 27 20.52 -12.60 6.98
N ASP B 28 19.28 -12.63 7.44
CA ASP B 28 18.19 -13.12 6.62
C ASP B 28 18.10 -12.49 5.23
N GLU B 29 18.27 -11.18 5.15
CA GLU B 29 18.21 -10.54 3.84
C GLU B 29 18.88 -9.16 3.72
N LEU B 30 19.11 -8.78 2.48
CA LEU B 30 19.71 -7.49 2.17
C LEU B 30 18.62 -6.38 2.20
N THR B 31 19.00 -5.17 2.58
CA THR B 31 18.10 -4.02 2.53
C THR B 31 18.74 -3.29 1.33
N PRO B 32 18.14 -3.45 0.14
CA PRO B 32 18.53 -2.91 -1.16
C PRO B 32 18.70 -1.41 -1.41
N VAL B 33 18.06 -0.57 -0.61
CA VAL B 33 18.19 0.88 -0.80
C VAL B 33 19.28 1.46 0.12
N SER B 34 19.32 1.01 1.37
CA SER B 34 20.34 1.47 2.29
C SER B 34 21.62 0.61 2.26
N ASN B 35 21.57 -0.52 1.57
CA ASN B 35 22.71 -1.46 1.49
C ASN B 35 23.13 -1.92 2.87
N GLY B 36 22.21 -2.58 3.57
CA GLY B 36 22.46 -3.09 4.92
C GLY B 36 21.78 -4.44 5.10
N HIS B 37 21.34 -4.75 6.31
CA HIS B 37 20.72 -6.05 6.53
C HIS B 37 19.49 -6.04 7.41
N ALA B 38 18.69 -7.10 7.29
CA ALA B 38 17.48 -7.28 8.08
C ALA B 38 17.37 -8.76 8.42
N ASP B 39 16.49 -9.09 9.35
CA ASP B 39 16.26 -10.48 9.75
C ASP B 39 14.78 -10.66 10.03
N SER B 40 14.00 -10.89 8.98
CA SER B 40 12.57 -11.05 9.15
C SER B 40 12.16 -12.52 9.22
N ARG B 41 13.15 -13.40 9.08
CA ARG B 41 12.93 -14.85 9.12
C ARG B 41 13.79 -15.57 10.18
N ASN B 42 13.67 -15.09 11.42
CA ASN B 42 14.39 -15.66 12.58
C ASN B 42 15.92 -15.67 12.62
N GLY B 43 16.58 -15.02 11.68
CA GLY B 43 18.04 -14.99 11.71
C GLY B 43 18.82 -16.16 11.16
N TRP B 44 18.14 -17.19 10.66
CA TRP B 44 18.84 -18.34 10.12
C TRP B 44 19.47 -18.15 8.73
N GLY B 45 19.31 -16.97 8.14
CA GLY B 45 19.88 -16.72 6.82
C GLY B 45 18.95 -17.14 5.70
N ALA B 46 17.74 -16.58 5.70
CA ALA B 46 16.71 -16.92 4.71
C ALA B 46 17.06 -16.78 3.25
N SER B 47 17.72 -15.68 2.87
CA SER B 47 18.06 -15.47 1.46
C SER B 47 19.07 -16.47 0.96
N ALA B 48 19.97 -16.88 1.85
CA ALA B 48 20.99 -17.85 1.47
C ALA B 48 20.35 -19.23 1.25
N VAL B 49 19.47 -19.65 2.14
CA VAL B 49 18.84 -20.97 1.98
C VAL B 49 17.79 -21.04 0.84
N ASP B 50 16.99 -19.98 0.69
CA ASP B 50 15.95 -19.91 -0.35
C ASP B 50 16.60 -19.85 -1.74
N ALA B 51 17.86 -19.40 -1.78
CA ALA B 51 18.61 -19.29 -3.02
C ALA B 51 19.27 -20.61 -3.46
N LEU B 52 19.40 -21.57 -2.55
CA LEU B 52 20.08 -22.84 -2.88
C LEU B 52 19.55 -23.54 -4.15
N SER B 53 18.28 -23.93 -4.12
CA SER B 53 17.70 -24.64 -5.26
C SER B 53 17.74 -23.90 -6.58
N THR B 54 17.88 -22.58 -6.57
CA THR B 54 17.93 -21.84 -7.83
C THR B 54 19.37 -21.84 -8.34
N ALA B 55 20.32 -21.77 -7.42
CA ALA B 55 21.73 -21.78 -7.77
C ALA B 55 22.08 -23.12 -8.42
N VAL B 56 21.63 -24.21 -7.79
CA VAL B 56 21.88 -25.55 -8.31
C VAL B 56 21.37 -25.68 -9.76
N ILE B 57 20.13 -25.25 -9.99
CA ILE B 57 19.53 -25.33 -11.32
C ILE B 57 20.21 -24.43 -12.37
N MET B 58 20.84 -23.34 -11.93
CA MET B 58 21.53 -22.43 -12.84
C MET B 58 22.97 -22.89 -13.09
N GLY B 59 23.50 -23.74 -12.23
CA GLY B 59 24.87 -24.22 -12.39
C GLY B 59 25.96 -23.32 -11.84
N LYS B 60 25.74 -22.79 -10.64
CA LYS B 60 26.69 -21.89 -9.97
C LYS B 60 27.26 -22.61 -8.74
N ALA B 61 28.36 -23.33 -8.97
CA ALA B 61 29.04 -24.13 -7.94
C ALA B 61 29.37 -23.40 -6.65
N ASP B 62 30.13 -22.32 -6.76
CA ASP B 62 30.54 -21.53 -5.59
C ASP B 62 29.37 -21.03 -4.78
N VAL B 63 28.34 -20.52 -5.46
CA VAL B 63 27.17 -20.03 -4.76
C VAL B 63 26.61 -21.20 -3.97
N VAL B 64 26.53 -22.35 -4.64
CA VAL B 64 26.01 -23.57 -4.01
C VAL B 64 26.82 -24.01 -2.78
N ASN B 65 28.15 -24.07 -2.92
CA ASN B 65 29.00 -24.46 -1.80
C ASN B 65 28.98 -23.44 -0.67
N ALA B 66 29.04 -22.16 -1.03
CA ALA B 66 29.00 -21.09 -0.01
C ALA B 66 27.76 -21.31 0.85
N ILE B 67 26.67 -21.72 0.21
CA ILE B 67 25.41 -21.98 0.91
C ILE B 67 25.48 -23.28 1.71
N LEU B 68 26.14 -24.30 1.17
CA LEU B 68 26.26 -25.58 1.89
C LEU B 68 27.03 -25.38 3.20
N GLU B 69 28.10 -24.58 3.16
CA GLU B 69 28.88 -24.33 4.36
C GLU B 69 27.97 -23.69 5.42
N HIS B 70 27.29 -22.63 5.02
CA HIS B 70 26.42 -21.90 5.91
C HIS B 70 25.35 -22.72 6.63
N VAL B 71 24.67 -23.59 5.90
CA VAL B 71 23.63 -24.39 6.54
C VAL B 71 24.33 -25.28 7.56
N ALA B 72 25.53 -25.69 7.22
CA ALA B 72 26.30 -26.54 8.12
C ALA B 72 26.49 -25.82 9.45
N ASP B 73 26.74 -24.51 9.41
CA ASP B 73 26.97 -23.74 10.63
C ASP B 73 25.74 -23.24 11.38
N ILE B 74 24.55 -23.36 10.79
CA ILE B 74 23.29 -22.91 11.40
C ILE B 74 22.93 -23.63 12.70
N ASP B 75 21.92 -23.11 13.41
CA ASP B 75 21.43 -23.70 14.64
C ASP B 75 19.97 -23.30 14.86
N PHE B 76 19.05 -24.08 14.26
CA PHE B 76 17.62 -23.79 14.36
C PHE B 76 17.02 -23.85 15.76
N SER B 77 17.88 -24.07 16.76
CA SER B 77 17.42 -24.14 18.14
C SER B 77 17.14 -22.78 18.75
N LYS B 78 18.01 -21.81 18.48
CA LYS B 78 17.86 -20.47 19.04
C LYS B 78 17.47 -19.36 18.06
N THR B 79 16.58 -18.49 18.53
CA THR B 79 16.10 -17.33 17.77
C THR B 79 15.47 -16.38 18.78
N SER B 80 15.54 -15.08 18.50
CA SER B 80 15.00 -14.08 19.41
C SER B 80 13.55 -13.75 19.16
N ASP B 81 13.04 -14.18 18.01
CA ASP B 81 11.66 -13.90 17.63
C ASP B 81 10.73 -15.11 17.57
N THR B 82 9.44 -14.83 17.52
CA THR B 82 8.41 -15.87 17.40
C THR B 82 8.69 -16.50 16.05
N VAL B 83 8.18 -17.72 15.83
CA VAL B 83 8.39 -18.37 14.54
C VAL B 83 7.08 -18.82 13.92
N SER B 84 6.96 -18.64 12.61
CA SER B 84 5.77 -19.04 11.87
C SER B 84 6.04 -20.46 11.40
N LEU B 85 5.13 -21.39 11.72
CA LEU B 85 5.32 -22.77 11.30
C LEU B 85 5.25 -22.81 9.78
N PHE B 86 4.27 -22.08 9.24
CA PHE B 86 4.03 -21.97 7.79
C PHE B 86 5.29 -21.45 7.07
N GLU B 87 5.65 -20.19 7.30
CA GLU B 87 6.82 -19.61 6.65
C GLU B 87 8.09 -20.44 6.80
N THR B 88 8.35 -20.93 8.02
CA THR B 88 9.57 -21.69 8.31
C THR B 88 9.61 -23.01 7.55
N THR B 89 8.43 -23.56 7.33
CA THR B 89 8.30 -24.81 6.60
C THR B 89 8.48 -24.62 5.07
N ILE B 90 7.84 -23.59 4.49
CA ILE B 90 7.97 -23.42 3.03
C ILE B 90 9.30 -22.86 2.52
N ARG B 91 10.02 -22.12 3.35
CA ARG B 91 11.31 -21.58 2.94
C ARG B 91 12.51 -22.42 3.42
N TYR B 92 12.62 -22.63 4.74
CA TYR B 92 13.74 -23.39 5.33
C TYR B 92 13.67 -24.90 5.13
N LEU B 93 12.64 -25.54 5.69
CA LEU B 93 12.50 -26.98 5.56
C LEU B 93 12.54 -27.36 4.08
N ALA B 94 11.64 -26.77 3.29
CA ALA B 94 11.56 -27.03 1.86
C ALA B 94 12.84 -26.69 1.06
N GLY B 95 13.44 -25.53 1.36
CA GLY B 95 14.64 -25.12 0.65
C GLY B 95 15.81 -26.08 0.76
N MET B 96 15.95 -26.74 1.92
CA MET B 96 17.04 -27.68 2.15
C MET B 96 16.74 -29.01 1.47
N LEU B 97 15.53 -29.53 1.64
CA LEU B 97 15.18 -30.78 1.00
C LEU B 97 15.37 -30.67 -0.51
N SER B 98 14.96 -29.55 -1.10
CA SER B 98 15.10 -29.37 -2.55
C SER B 98 16.57 -29.43 -2.97
N GLY B 99 17.44 -28.87 -2.14
CA GLY B 99 18.86 -28.89 -2.46
C GLY B 99 19.37 -30.31 -2.47
N TYR B 100 18.86 -31.10 -1.54
CA TYR B 100 19.23 -32.51 -1.40
C TYR B 100 18.86 -33.28 -2.68
N ASP B 101 17.56 -33.45 -2.92
CA ASP B 101 17.08 -34.18 -4.09
C ASP B 101 17.72 -33.71 -5.37
N LEU B 102 17.94 -32.40 -5.48
CA LEU B 102 18.54 -31.84 -6.68
C LEU B 102 20.01 -32.26 -6.80
N LEU B 103 20.82 -31.95 -5.77
CA LEU B 103 22.24 -32.30 -5.79
C LEU B 103 22.48 -33.80 -5.82
N GLN B 104 21.76 -34.51 -4.97
CA GLN B 104 21.88 -35.95 -4.87
C GLN B 104 21.32 -36.64 -6.12
N GLY B 105 20.63 -35.89 -6.97
CA GLY B 105 20.05 -36.47 -8.17
C GLY B 105 20.52 -35.92 -9.52
N PRO B 106 19.67 -35.16 -10.23
CA PRO B 106 19.97 -34.56 -11.53
C PRO B 106 21.16 -33.60 -11.55
N ALA B 107 21.59 -33.18 -10.36
CA ALA B 107 22.73 -32.27 -10.25
C ALA B 107 23.82 -32.98 -9.45
N LYS B 108 23.91 -34.30 -9.67
CA LYS B 108 24.87 -35.17 -8.99
C LYS B 108 26.31 -34.66 -9.08
N ASN B 109 26.74 -34.32 -10.28
CA ASN B 109 28.10 -33.84 -10.48
C ASN B 109 28.20 -32.36 -10.82
N LEU B 110 27.99 -31.53 -9.79
CA LEU B 110 28.08 -30.07 -9.90
C LEU B 110 29.05 -29.67 -8.80
N VAL B 111 28.91 -30.37 -7.68
CA VAL B 111 29.74 -30.17 -6.51
C VAL B 111 30.28 -31.53 -6.09
N ASP B 112 31.57 -31.61 -5.82
CA ASP B 112 32.17 -32.87 -5.42
C ASP B 112 31.89 -33.12 -3.95
N ASN B 113 31.87 -32.05 -3.16
CA ASN B 113 31.61 -32.18 -1.73
C ASN B 113 30.28 -32.87 -1.47
N GLN B 114 30.34 -34.15 -1.14
CA GLN B 114 29.15 -34.93 -0.85
C GLN B 114 28.72 -34.73 0.59
N ASP B 115 29.69 -34.77 1.50
CA ASP B 115 29.42 -34.61 2.91
C ASP B 115 28.49 -33.46 3.24
N LEU B 116 28.60 -32.37 2.50
CA LEU B 116 27.74 -31.22 2.74
C LEU B 116 26.34 -31.55 2.24
N ILE B 117 26.29 -32.10 1.02
CA ILE B 117 25.03 -32.49 0.41
C ILE B 117 24.20 -33.35 1.36
N ASP B 118 24.88 -34.15 2.17
CA ASP B 118 24.18 -35.03 3.11
C ASP B 118 23.73 -34.26 4.34
N GLY B 119 24.47 -33.21 4.70
CA GLY B 119 24.13 -32.41 5.87
C GLY B 119 22.77 -31.73 5.80
N LEU B 120 22.27 -31.54 4.59
CA LEU B 120 20.97 -30.90 4.39
C LEU B 120 19.85 -31.66 5.10
N LEU B 121 19.87 -32.99 4.99
CA LEU B 121 18.82 -33.81 5.61
C LEU B 121 18.88 -33.76 7.13
N ASP B 122 20.10 -33.83 7.67
CA ASP B 122 20.28 -33.79 9.13
C ASP B 122 19.62 -32.54 9.69
N GLN B 123 19.88 -31.40 9.05
CA GLN B 123 19.32 -30.10 9.48
C GLN B 123 17.80 -30.06 9.27
N SER B 124 17.34 -30.72 8.21
CA SER B 124 15.91 -30.78 7.92
C SER B 124 15.18 -31.48 9.06
N ARG B 125 15.83 -32.47 9.67
CA ARG B 125 15.20 -33.19 10.78
C ARG B 125 15.20 -32.35 12.04
N ASN B 126 16.35 -31.77 12.36
CA ASN B 126 16.48 -30.95 13.55
C ASN B 126 15.37 -29.93 13.58
N LEU B 127 15.24 -29.20 12.47
CA LEU B 127 14.23 -28.17 12.33
C LEU B 127 12.81 -28.68 12.62
N ALA B 128 12.41 -29.78 11.97
CA ALA B 128 11.08 -30.34 12.19
C ALA B 128 10.87 -30.73 13.64
N ASP B 129 11.92 -31.25 14.26
CA ASP B 129 11.85 -31.68 15.66
C ASP B 129 11.65 -30.51 16.64
N VAL B 130 12.16 -29.34 16.27
CA VAL B 130 12.01 -28.17 17.12
C VAL B 130 10.62 -27.58 16.95
N LEU B 131 10.09 -27.68 15.73
CA LEU B 131 8.77 -27.12 15.41
C LEU B 131 7.56 -27.96 15.75
N LYS B 132 7.74 -29.28 15.77
CA LYS B 132 6.62 -30.21 15.99
C LYS B 132 5.72 -30.03 17.19
N PHE B 133 6.28 -29.56 18.31
CA PHE B 133 5.46 -29.37 19.49
C PHE B 133 4.25 -28.53 19.15
N ALA B 134 4.29 -27.90 17.97
CA ALA B 134 3.22 -27.03 17.50
C ALA B 134 1.94 -27.78 17.19
N PHE B 135 2.05 -29.07 16.90
CA PHE B 135 0.87 -29.87 16.57
C PHE B 135 0.06 -30.36 17.79
N ASP B 136 0.74 -30.61 18.92
CA ASP B 136 0.07 -31.09 20.13
C ASP B 136 -1.13 -30.26 20.55
N THR B 137 -2.31 -30.58 20.05
CA THR B 137 -3.51 -29.85 20.43
C THR B 137 -4.65 -30.85 20.50
N PRO B 138 -5.86 -30.42 20.88
CA PRO B 138 -6.95 -31.39 20.93
C PRO B 138 -6.97 -32.14 19.59
N SER B 139 -7.52 -31.48 18.58
CA SER B 139 -7.63 -32.05 17.24
C SER B 139 -6.28 -32.41 16.62
N GLY B 140 -5.42 -31.41 16.45
CA GLY B 140 -4.14 -31.64 15.83
C GLY B 140 -3.87 -30.50 14.88
N VAL B 141 -4.91 -29.72 14.58
CA VAL B 141 -4.78 -28.54 13.74
C VAL B 141 -3.80 -27.77 14.62
N PRO B 142 -2.54 -27.62 14.16
CA PRO B 142 -1.45 -26.94 14.88
C PRO B 142 -1.52 -25.46 15.19
N TYR B 143 -0.51 -25.03 15.94
CA TYR B 143 -0.34 -23.64 16.34
C TYR B 143 0.74 -23.11 15.40
N ASN B 144 0.38 -22.13 14.58
CA ASN B 144 1.33 -21.56 13.63
C ASN B 144 2.35 -20.59 14.22
N ASN B 145 1.93 -19.82 15.21
CA ASN B 145 2.81 -18.84 15.84
C ASN B 145 3.36 -19.33 17.19
N ILE B 146 4.53 -19.95 17.18
CA ILE B 146 5.09 -20.45 18.42
C ILE B 146 6.44 -19.84 18.81
N ASN B 147 6.86 -20.19 20.03
CA ASN B 147 8.12 -19.77 20.64
C ASN B 147 8.87 -21.08 20.80
N ILE B 148 9.91 -21.30 20.00
CA ILE B 148 10.62 -22.56 20.13
C ILE B 148 11.40 -22.63 21.44
N THR B 149 10.95 -21.85 22.42
CA THR B 149 11.60 -21.85 23.73
C THR B 149 10.58 -22.07 24.86
N SER B 150 9.64 -21.15 25.05
CA SER B 150 8.64 -21.35 26.08
C SER B 150 7.62 -22.40 25.59
N HIS B 151 7.73 -22.75 24.31
CA HIS B 151 6.85 -23.73 23.68
C HIS B 151 5.46 -23.16 23.74
N GLY B 152 5.41 -21.87 24.03
CA GLY B 152 4.15 -21.16 24.14
C GLY B 152 3.62 -20.71 22.79
N ASN B 153 2.50 -20.00 22.81
CA ASN B 153 1.91 -19.57 21.56
C ASN B 153 1.05 -18.33 21.58
N ASP B 154 0.79 -17.87 20.37
CA ASP B 154 -0.01 -16.72 20.07
C ASP B 154 -1.28 -16.64 20.93
N GLY B 155 -1.68 -17.77 21.50
CA GLY B 155 -2.90 -17.81 22.31
C GLY B 155 -4.14 -17.77 21.44
N ALA B 156 -4.03 -18.33 20.24
CA ALA B 156 -5.15 -18.36 19.29
C ALA B 156 -6.07 -19.56 19.45
N THR B 157 -7.33 -19.38 19.05
CA THR B 157 -8.33 -20.44 19.14
C THR B 157 -8.72 -20.93 17.76
N THR B 158 -7.84 -20.72 16.79
CA THR B 158 -8.07 -21.14 15.41
C THR B 158 -6.77 -21.07 14.64
N ASN B 159 -6.80 -21.57 13.41
CA ASN B 159 -5.66 -21.56 12.52
C ASN B 159 -6.29 -21.46 11.13
N GLY B 160 -5.83 -20.50 10.32
CA GLY B 160 -6.38 -20.32 8.99
C GLY B 160 -6.16 -21.53 8.10
N LEU B 161 -6.93 -21.59 7.01
CA LEU B 161 -6.87 -22.69 6.04
C LEU B 161 -5.48 -22.91 5.45
N ALA B 162 -4.92 -21.88 4.81
CA ALA B 162 -3.62 -21.97 4.17
C ALA B 162 -2.48 -22.43 5.06
N VAL B 163 -2.30 -21.76 6.19
CA VAL B 163 -1.20 -22.14 7.06
C VAL B 163 -1.32 -23.55 7.62
N THR B 164 -2.54 -24.08 7.64
CA THR B 164 -2.76 -25.44 8.13
C THR B 164 -2.62 -26.41 6.95
N GLY B 165 -3.20 -26.05 5.82
CA GLY B 165 -3.13 -26.92 4.65
C GLY B 165 -1.91 -26.79 3.75
N THR B 166 -0.85 -26.11 4.20
CA THR B 166 0.34 -25.96 3.37
C THR B 166 1.61 -26.52 4.02
N LEU B 167 1.47 -27.67 4.66
CA LEU B 167 2.60 -28.32 5.33
C LEU B 167 2.81 -29.79 4.94
N VAL B 168 1.74 -30.49 4.58
CA VAL B 168 1.83 -31.92 4.24
C VAL B 168 2.92 -32.36 3.30
N LEU B 169 3.17 -31.60 2.24
CA LEU B 169 4.20 -31.96 1.26
C LEU B 169 5.63 -32.05 1.82
N GLU B 170 6.11 -30.97 2.41
CA GLU B 170 7.46 -30.99 2.93
C GLU B 170 7.65 -31.91 4.15
N TRP B 171 6.65 -32.01 5.00
CA TRP B 171 6.76 -32.91 6.15
C TRP B 171 6.76 -34.37 5.68
N THR B 172 5.76 -34.74 4.86
CA THR B 172 5.70 -36.11 4.33
C THR B 172 7.00 -36.46 3.61
N ARG B 173 7.60 -35.49 2.93
CA ARG B 173 8.86 -35.74 2.20
C ARG B 173 9.99 -36.09 3.16
N LEU B 174 10.00 -35.49 4.34
CA LEU B 174 11.03 -35.79 5.32
C LEU B 174 10.84 -37.19 5.91
N SER B 175 9.61 -37.52 6.34
CA SER B 175 9.28 -38.82 6.91
C SER B 175 9.77 -39.87 5.93
N ASP B 176 9.44 -39.65 4.67
CA ASP B 176 9.83 -40.54 3.58
C ASP B 176 11.32 -40.62 3.45
N LEU B 177 12.01 -39.53 3.79
CA LEU B 177 13.46 -39.50 3.66
C LEU B 177 14.18 -40.03 4.86
N THR B 178 13.68 -39.73 6.04
CA THR B 178 14.31 -40.23 7.25
C THR B 178 13.82 -41.67 7.46
N GLY B 179 12.66 -41.79 8.11
CA GLY B 179 12.07 -43.09 8.37
C GLY B 179 10.94 -42.83 9.33
N ASP B 180 11.22 -41.97 10.30
CA ASP B 180 10.25 -41.61 11.30
C ASP B 180 9.04 -40.99 10.60
N GLU B 181 7.94 -41.74 10.60
CA GLU B 181 6.71 -41.32 9.95
C GLU B 181 5.88 -40.34 10.77
N GLU B 182 6.42 -39.89 11.91
CA GLU B 182 5.73 -38.95 12.79
C GLU B 182 5.50 -37.63 12.06
N TYR B 183 6.45 -37.29 11.18
CA TYR B 183 6.36 -36.05 10.40
C TYR B 183 5.17 -36.13 9.47
N ALA B 184 5.07 -37.25 8.77
CA ALA B 184 3.98 -37.48 7.83
C ALA B 184 2.65 -37.53 8.57
N LYS B 185 2.65 -38.19 9.73
CA LYS B 185 1.43 -38.33 10.50
C LYS B 185 0.90 -37.03 11.05
N LEU B 186 1.77 -36.28 11.73
CA LEU B 186 1.37 -35.01 12.31
C LEU B 186 0.76 -34.09 11.24
N SER B 187 1.44 -33.97 10.10
CA SER B 187 0.95 -33.11 9.02
C SER B 187 -0.35 -33.62 8.40
N GLN B 188 -0.41 -34.92 8.11
CA GLN B 188 -1.61 -35.49 7.51
C GLN B 188 -2.80 -35.53 8.47
N LYS B 189 -2.51 -35.61 9.77
CA LYS B 189 -3.58 -35.62 10.78
C LYS B 189 -4.28 -34.26 10.77
N ALA B 190 -3.49 -33.20 10.62
CA ALA B 190 -4.03 -31.84 10.57
C ALA B 190 -4.82 -31.65 9.26
N GLU B 191 -4.34 -32.26 8.18
CA GLU B 191 -5.00 -32.12 6.87
C GLU B 191 -6.35 -32.82 6.78
N SER B 192 -6.51 -33.90 7.54
CA SER B 192 -7.75 -34.68 7.54
C SER B 192 -9.02 -33.84 7.64
N TYR B 193 -9.04 -32.95 8.63
CA TYR B 193 -10.19 -32.07 8.88
C TYR B 193 -10.60 -31.25 7.66
N LEU B 194 -9.63 -30.85 6.84
CA LEU B 194 -9.91 -30.05 5.67
C LEU B 194 -10.52 -30.92 4.55
N LEU B 195 -10.14 -32.19 4.51
CA LEU B 195 -10.67 -33.11 3.51
C LEU B 195 -12.11 -33.49 3.83
N LYS B 196 -12.41 -33.61 5.12
CA LYS B 196 -13.75 -33.94 5.60
C LYS B 196 -14.33 -32.76 6.38
N PRO B 197 -14.64 -31.67 5.69
CA PRO B 197 -15.19 -30.45 6.33
C PRO B 197 -16.48 -30.64 7.13
N GLN B 198 -16.46 -30.13 8.36
CA GLN B 198 -17.60 -30.18 9.28
C GLN B 198 -17.64 -28.86 10.03
N PRO B 199 -18.83 -28.24 10.17
CA PRO B 199 -20.17 -28.62 9.72
C PRO B 199 -20.43 -28.43 8.23
N SER B 200 -21.43 -29.15 7.72
CA SER B 200 -21.78 -29.09 6.31
C SER B 200 -22.03 -27.65 5.86
N SER B 201 -22.31 -26.77 6.82
CA SER B 201 -22.56 -25.37 6.49
C SER B 201 -21.27 -24.66 6.06
N SER B 202 -20.13 -25.25 6.41
CA SER B 202 -18.83 -24.69 6.04
C SER B 202 -18.47 -25.02 4.61
N GLU B 203 -19.28 -25.87 3.96
CA GLU B 203 -19.03 -26.27 2.59
C GLU B 203 -20.19 -25.83 1.68
N PRO B 204 -20.32 -24.53 1.44
CA PRO B 204 -21.36 -23.92 0.61
C PRO B 204 -21.46 -24.56 -0.77
N PHE B 205 -20.34 -25.08 -1.25
CA PHE B 205 -20.28 -25.77 -2.54
C PHE B 205 -19.31 -26.92 -2.34
N PRO B 206 -19.45 -27.99 -3.14
CA PRO B 206 -18.56 -29.14 -2.99
C PRO B 206 -17.08 -28.77 -3.14
N GLY B 207 -16.29 -29.07 -2.11
CA GLY B 207 -14.87 -28.78 -2.16
C GLY B 207 -14.44 -27.38 -1.73
N LEU B 208 -15.39 -26.45 -1.71
CA LEU B 208 -15.09 -25.06 -1.31
C LEU B 208 -15.37 -24.90 0.19
N VAL B 209 -14.31 -24.75 0.97
CA VAL B 209 -14.41 -24.64 2.42
C VAL B 209 -14.17 -23.27 3.05
N GLY B 210 -14.25 -23.22 4.39
CA GLY B 210 -14.07 -22.00 5.14
C GLY B 210 -12.62 -21.60 5.38
N SER B 211 -12.42 -20.35 5.78
CA SER B 211 -11.08 -19.79 6.00
C SER B 211 -10.40 -20.04 7.35
N SER B 212 -11.14 -20.53 8.33
CA SER B 212 -10.57 -20.80 9.65
C SER B 212 -11.08 -22.09 10.29
N ILE B 213 -10.20 -22.78 11.01
CA ILE B 213 -10.54 -24.05 11.63
C ILE B 213 -10.26 -24.07 13.15
N ASN B 214 -11.30 -24.28 13.95
CA ASN B 214 -11.16 -24.33 15.40
C ASN B 214 -10.10 -25.36 15.79
N ILE B 215 -9.08 -24.91 16.54
CA ILE B 215 -8.00 -25.80 16.96
C ILE B 215 -8.41 -26.83 18.04
N ASN B 216 -9.58 -26.65 18.63
CA ASN B 216 -10.04 -27.60 19.65
C ASN B 216 -10.88 -28.71 19.05
N ASP B 217 -11.49 -28.44 17.90
CA ASP B 217 -12.33 -29.41 17.22
C ASP B 217 -11.69 -29.89 15.92
N GLY B 218 -12.01 -29.14 14.88
CA GLY B 218 -11.53 -29.41 13.54
C GLY B 218 -12.64 -28.78 12.73
N GLN B 219 -13.62 -28.27 13.47
CA GLN B 219 -14.77 -27.60 12.89
C GLN B 219 -14.31 -26.28 12.31
N PHE B 220 -14.96 -25.85 11.24
CA PHE B 220 -14.64 -24.58 10.61
C PHE B 220 -15.41 -23.46 11.32
N ALA B 221 -14.71 -22.39 11.68
CA ALA B 221 -15.34 -21.28 12.38
C ALA B 221 -16.13 -20.34 11.49
N ASP B 222 -16.00 -20.50 10.18
CA ASP B 222 -16.72 -19.64 9.24
C ASP B 222 -17.10 -20.37 7.97
N SER B 223 -17.74 -19.64 7.06
CA SER B 223 -18.14 -20.21 5.79
C SER B 223 -17.67 -19.28 4.67
N ARG B 224 -16.59 -18.55 4.95
CA ARG B 224 -16.02 -17.63 3.97
C ARG B 224 -15.11 -18.41 3.03
N VAL B 225 -15.40 -18.33 1.73
CA VAL B 225 -14.64 -19.06 0.73
C VAL B 225 -13.92 -18.20 -0.30
N SER B 226 -12.65 -18.54 -0.55
CA SER B 226 -11.84 -17.82 -1.55
C SER B 226 -10.47 -18.44 -1.79
N TRP B 227 -9.84 -18.01 -2.87
CA TRP B 227 -8.50 -18.44 -3.27
C TRP B 227 -7.48 -17.33 -2.98
N ASN B 228 -7.87 -16.34 -2.19
CA ASN B 228 -6.98 -15.22 -1.84
C ASN B 228 -6.07 -15.60 -0.69
N GLY B 229 -5.22 -14.67 -0.26
CA GLY B 229 -4.32 -14.94 0.85
C GLY B 229 -4.99 -15.47 2.12
N GLY B 230 -4.34 -16.41 2.79
CA GLY B 230 -4.93 -16.99 3.99
C GLY B 230 -5.65 -18.30 3.65
N ASP B 231 -6.08 -18.41 2.39
CA ASP B 231 -6.77 -19.60 1.90
C ASP B 231 -5.98 -20.32 0.79
N ASP B 232 -5.54 -19.54 -0.19
CA ASP B 232 -4.79 -19.98 -1.36
C ASP B 232 -4.04 -21.32 -1.46
N SER B 233 -2.85 -21.43 -0.87
CA SER B 233 -2.06 -22.66 -1.00
C SER B 233 -2.65 -23.98 -0.48
N PHE B 234 -3.80 -23.95 0.19
CA PHE B 234 -4.43 -25.20 0.65
C PHE B 234 -4.90 -25.98 -0.56
N TYR B 235 -5.57 -25.28 -1.47
CA TYR B 235 -6.07 -25.92 -2.67
C TYR B 235 -4.91 -26.31 -3.59
N GLU B 236 -3.84 -25.51 -3.55
CA GLU B 236 -2.63 -25.75 -4.36
C GLU B 236 -2.04 -27.12 -4.02
N TYR B 237 -1.83 -27.38 -2.73
CA TYR B 237 -1.23 -28.63 -2.30
C TYR B 237 -2.07 -29.89 -2.56
N LEU B 238 -3.38 -29.70 -2.70
CA LEU B 238 -4.31 -30.82 -2.98
C LEU B 238 -3.84 -31.63 -4.20
N ILE B 239 -3.79 -30.97 -5.35
CA ILE B 239 -3.39 -31.61 -6.61
C ILE B 239 -1.88 -31.94 -6.61
N LYS B 240 -1.05 -31.07 -6.03
CA LYS B 240 0.39 -31.35 -5.97
C LYS B 240 0.75 -32.58 -5.13
N MET B 241 -0.03 -32.89 -4.09
CA MET B 241 0.24 -34.08 -3.29
C MET B 241 0.04 -35.31 -4.20
N TYR B 242 -1.01 -35.24 -5.01
CA TYR B 242 -1.35 -36.30 -5.94
C TYR B 242 -0.19 -36.55 -6.88
N VAL B 243 0.51 -35.48 -7.25
CA VAL B 243 1.66 -35.61 -8.14
C VAL B 243 2.80 -36.26 -7.36
N TYR B 244 2.90 -35.95 -6.07
CA TYR B 244 3.96 -36.52 -5.24
C TYR B 244 3.80 -38.05 -5.19
N ASP B 245 2.57 -38.53 -5.03
CA ASP B 245 2.28 -39.97 -5.01
C ASP B 245 0.80 -40.26 -5.22
N PRO B 246 0.39 -40.49 -6.48
CA PRO B 246 -1.01 -40.78 -6.80
C PRO B 246 -1.60 -41.93 -5.97
N LYS B 247 -0.74 -42.88 -5.62
CA LYS B 247 -1.17 -44.02 -4.82
C LYS B 247 -1.73 -43.54 -3.48
N ARG B 248 -0.85 -43.02 -2.63
CA ARG B 248 -1.26 -42.54 -1.32
C ARG B 248 -2.26 -41.37 -1.30
N PHE B 249 -2.33 -40.59 -2.37
CA PHE B 249 -3.20 -39.42 -2.30
C PHE B 249 -4.29 -39.19 -3.32
N GLU B 250 -4.99 -40.25 -3.74
CA GLU B 250 -6.05 -40.07 -4.71
C GLU B 250 -7.19 -39.27 -4.06
N THR B 251 -7.34 -39.42 -2.75
CA THR B 251 -8.36 -38.71 -1.99
C THR B 251 -8.16 -37.19 -2.08
N TYR B 252 -6.90 -36.75 -2.08
CA TYR B 252 -6.58 -35.32 -2.18
C TYR B 252 -6.99 -34.84 -3.57
N LYS B 253 -6.69 -35.63 -4.60
CA LYS B 253 -7.06 -35.27 -5.97
C LYS B 253 -8.56 -35.14 -6.11
N ASP B 254 -9.28 -36.07 -5.47
CA ASP B 254 -10.73 -36.05 -5.53
C ASP B 254 -11.29 -34.77 -4.93
N ARG B 255 -10.81 -34.38 -3.75
CA ARG B 255 -11.29 -33.15 -3.12
C ARG B 255 -10.92 -31.92 -3.99
N TRP B 256 -9.80 -32.03 -4.71
CA TRP B 256 -9.35 -30.95 -5.60
C TRP B 256 -10.26 -30.76 -6.79
N VAL B 257 -10.69 -31.88 -7.38
CA VAL B 257 -11.55 -31.84 -8.56
C VAL B 257 -12.91 -31.21 -8.25
N LEU B 258 -13.36 -31.32 -7.01
CA LEU B 258 -14.65 -30.76 -6.58
C LEU B 258 -14.54 -29.23 -6.46
N ALA B 259 -13.41 -28.75 -5.94
CA ALA B 259 -13.18 -27.32 -5.80
C ALA B 259 -12.96 -26.73 -7.20
N ALA B 260 -12.16 -27.41 -8.01
CA ALA B 260 -11.91 -26.92 -9.35
C ALA B 260 -13.25 -26.68 -10.04
N GLU B 261 -14.14 -27.66 -9.91
CA GLU B 261 -15.46 -27.58 -10.52
C GLU B 261 -16.41 -26.58 -9.84
N SER B 262 -16.43 -26.52 -8.51
CA SER B 262 -17.31 -25.57 -7.82
C SER B 262 -16.82 -24.16 -8.10
N THR B 263 -15.51 -24.01 -8.26
CA THR B 263 -14.90 -22.71 -8.55
C THR B 263 -15.41 -22.19 -9.88
N ILE B 264 -15.23 -22.99 -10.93
CA ILE B 264 -15.69 -22.59 -12.26
C ILE B 264 -17.19 -22.28 -12.25
N LYS B 265 -17.95 -23.07 -11.49
CA LYS B 265 -19.39 -22.91 -11.39
C LYS B 265 -19.88 -21.73 -10.54
N HIS B 266 -19.14 -21.34 -9.51
CA HIS B 266 -19.61 -20.24 -8.66
C HIS B 266 -18.70 -19.01 -8.48
N LEU B 267 -17.40 -19.23 -8.36
CA LEU B 267 -16.47 -18.11 -8.16
C LEU B 267 -16.10 -17.33 -9.43
N LYS B 268 -16.20 -17.98 -10.58
CA LYS B 268 -15.87 -17.35 -11.86
C LYS B 268 -16.55 -15.99 -11.95
N SER B 269 -15.89 -15.04 -12.61
CA SER B 269 -16.44 -13.69 -12.75
C SER B 269 -15.78 -12.87 -13.85
N HIS B 270 -16.58 -12.07 -14.55
CA HIS B 270 -16.06 -11.22 -15.63
C HIS B 270 -16.45 -9.77 -15.33
N PRO B 271 -15.58 -8.81 -15.66
CA PRO B 271 -15.94 -7.41 -15.39
C PRO B 271 -16.72 -6.80 -16.58
N LYS B 272 -17.70 -5.95 -16.25
CA LYS B 272 -18.55 -5.30 -17.24
C LYS B 272 -17.83 -4.72 -18.44
N SER B 273 -16.82 -3.88 -18.19
CA SER B 273 -16.08 -3.24 -19.27
C SER B 273 -15.35 -4.24 -20.15
N ARG B 274 -14.79 -5.27 -19.53
CA ARG B 274 -14.03 -6.28 -20.26
C ARG B 274 -14.53 -7.70 -19.98
N PRO B 275 -15.67 -8.07 -20.58
CA PRO B 275 -16.26 -9.40 -20.39
C PRO B 275 -15.32 -10.48 -20.92
N ASP B 276 -14.37 -10.08 -21.75
CA ASP B 276 -13.40 -11.00 -22.34
C ASP B 276 -12.28 -11.35 -21.34
N LEU B 277 -12.47 -10.95 -20.09
CA LEU B 277 -11.50 -11.21 -19.01
C LEU B 277 -12.17 -11.95 -17.85
N THR B 278 -11.43 -12.82 -17.17
CA THR B 278 -11.98 -13.56 -16.05
C THR B 278 -11.12 -13.48 -14.78
N PHE B 279 -11.78 -13.28 -13.64
CA PHE B 279 -11.14 -13.18 -12.34
C PHE B 279 -11.94 -14.04 -11.36
N LEU B 280 -11.31 -14.52 -10.29
CA LEU B 280 -12.05 -15.31 -9.30
C LEU B 280 -12.52 -14.36 -8.22
N SER B 281 -13.67 -14.67 -7.63
CA SER B 281 -14.23 -13.85 -6.56
C SER B 281 -14.27 -14.63 -5.26
N SER B 282 -14.73 -13.96 -4.21
CA SER B 282 -14.85 -14.58 -2.90
C SER B 282 -16.33 -14.69 -2.55
N TYR B 283 -16.65 -15.61 -1.65
CA TYR B 283 -18.05 -15.80 -1.29
C TYR B 283 -18.25 -15.82 0.21
N SER B 284 -19.33 -15.17 0.65
CA SER B 284 -19.66 -15.11 2.07
C SER B 284 -21.14 -14.83 2.25
N ASN B 285 -21.81 -15.76 2.93
CA ASN B 285 -23.23 -15.67 3.20
C ASN B 285 -23.99 -14.91 2.14
N ARG B 286 -24.23 -15.58 1.02
CA ARG B 286 -24.98 -15.01 -0.10
C ARG B 286 -24.36 -13.82 -0.83
N ASN B 287 -23.12 -13.46 -0.54
CA ASN B 287 -22.52 -12.32 -1.23
C ASN B 287 -21.14 -12.54 -1.84
N TYR B 288 -20.98 -12.09 -3.09
CA TYR B 288 -19.72 -12.22 -3.81
C TYR B 288 -18.87 -10.95 -3.76
N ASP B 289 -17.66 -11.06 -3.22
CA ASP B 289 -16.73 -9.92 -3.11
C ASP B 289 -15.90 -9.93 -4.39
N LEU B 290 -16.07 -8.90 -5.22
CA LEU B 290 -15.35 -8.81 -6.48
C LEU B 290 -14.00 -8.10 -6.44
N SER B 291 -13.11 -8.58 -5.59
CA SER B 291 -11.76 -8.02 -5.46
C SER B 291 -10.79 -9.17 -5.36
N SER B 292 -9.55 -8.96 -5.79
CA SER B 292 -8.56 -10.03 -5.73
C SER B 292 -7.14 -9.57 -5.41
N GLN B 293 -6.20 -10.51 -5.50
CA GLN B 293 -4.80 -10.23 -5.19
C GLN B 293 -3.83 -10.79 -6.21
N HIS B 294 -2.59 -10.29 -6.16
CA HIS B 294 -1.53 -10.75 -7.05
C HIS B 294 -1.34 -12.22 -6.63
N LEU B 295 -1.39 -12.44 -5.32
CA LEU B 295 -1.24 -13.77 -4.72
C LEU B 295 -2.13 -14.84 -5.34
N THR B 296 -3.39 -14.48 -5.57
CA THR B 296 -4.41 -15.36 -6.14
C THR B 296 -4.05 -15.82 -7.56
N CYS B 297 -3.20 -15.07 -8.25
CA CYS B 297 -2.83 -15.42 -9.61
C CYS B 297 -2.09 -16.74 -9.77
N PHE B 298 -1.86 -17.45 -8.67
CA PHE B 298 -1.23 -18.77 -8.74
C PHE B 298 -2.31 -19.72 -9.28
N ASP B 299 -3.57 -19.28 -9.18
CA ASP B 299 -4.69 -20.12 -9.60
C ASP B 299 -4.61 -20.71 -11.00
N GLY B 300 -4.32 -19.89 -12.01
CA GLY B 300 -4.21 -20.41 -13.36
C GLY B 300 -3.26 -21.59 -13.45
N GLY B 301 -2.12 -21.50 -12.75
CA GLY B 301 -1.12 -22.55 -12.77
C GLY B 301 -1.54 -23.84 -12.09
N SER B 302 -2.44 -23.75 -11.11
CA SER B 302 -2.93 -24.93 -10.42
C SER B 302 -3.91 -25.65 -11.36
N PHE B 303 -4.81 -24.88 -11.96
CA PHE B 303 -5.77 -25.43 -12.89
C PHE B 303 -5.05 -26.11 -14.04
N LEU B 304 -3.92 -25.55 -14.42
CA LEU B 304 -3.12 -26.06 -15.52
C LEU B 304 -2.39 -27.34 -15.16
N LEU B 305 -2.03 -27.47 -13.88
CA LEU B 305 -1.32 -28.66 -13.38
C LEU B 305 -2.30 -29.84 -13.31
N GLY B 306 -3.48 -29.58 -12.74
CA GLY B 306 -4.51 -30.61 -12.63
C GLY B 306 -5.03 -31.00 -14.00
N GLY B 307 -5.16 -30.01 -14.89
CA GLY B 307 -5.63 -30.26 -16.24
C GLY B 307 -4.77 -31.26 -17.02
N THR B 308 -3.48 -30.99 -17.13
CA THR B 308 -2.58 -31.87 -17.87
C THR B 308 -2.40 -33.22 -17.15
N VAL B 309 -2.34 -33.17 -15.82
CA VAL B 309 -2.18 -34.38 -15.03
C VAL B 309 -3.41 -35.28 -15.13
N LEU B 310 -4.60 -34.69 -15.02
CA LEU B 310 -5.85 -35.43 -15.10
C LEU B 310 -6.43 -35.43 -16.52
N ASP B 311 -5.67 -34.89 -17.47
CA ASP B 311 -6.11 -34.82 -18.87
C ASP B 311 -7.53 -34.27 -18.98
N ARG B 312 -7.77 -33.12 -18.36
CA ARG B 312 -9.08 -32.45 -18.37
C ARG B 312 -8.93 -31.11 -19.11
N GLN B 313 -9.11 -31.13 -20.44
CA GLN B 313 -8.97 -29.91 -21.24
C GLN B 313 -9.79 -28.76 -20.68
N ASP B 314 -10.91 -29.07 -20.05
CA ASP B 314 -11.75 -28.02 -19.49
C ASP B 314 -11.07 -27.29 -18.31
N PHE B 315 -10.22 -27.99 -17.56
CA PHE B 315 -9.52 -27.32 -16.46
C PHE B 315 -8.41 -26.49 -17.08
N ILE B 316 -7.79 -27.02 -18.13
CA ILE B 316 -6.73 -26.32 -18.82
C ILE B 316 -7.22 -25.00 -19.41
N ASP B 317 -8.39 -25.04 -20.05
CA ASP B 317 -8.95 -23.84 -20.67
C ASP B 317 -9.31 -22.78 -19.65
N PHE B 318 -9.76 -23.22 -18.48
CA PHE B 318 -10.14 -22.29 -17.41
C PHE B 318 -8.88 -21.71 -16.74
N GLY B 319 -7.76 -22.41 -16.88
CA GLY B 319 -6.53 -21.93 -16.29
C GLY B 319 -5.92 -20.83 -17.15
N LEU B 320 -6.03 -21.00 -18.47
CA LEU B 320 -5.51 -20.02 -19.41
C LEU B 320 -6.37 -18.77 -19.35
N GLU B 321 -7.64 -18.92 -19.01
CA GLU B 321 -8.51 -17.76 -18.92
C GLU B 321 -8.13 -16.93 -17.68
N LEU B 322 -7.67 -17.60 -16.63
CA LEU B 322 -7.25 -16.90 -15.41
C LEU B 322 -5.88 -16.28 -15.67
N VAL B 323 -5.05 -16.99 -16.44
CA VAL B 323 -3.74 -16.48 -16.82
C VAL B 323 -3.92 -15.15 -17.57
N ASP B 324 -4.73 -15.14 -18.63
CA ASP B 324 -4.98 -13.93 -19.42
C ASP B 324 -5.41 -12.81 -18.50
N GLY B 325 -6.36 -13.10 -17.62
CA GLY B 325 -6.83 -12.09 -16.71
C GLY B 325 -5.71 -11.45 -15.90
N CYS B 326 -4.76 -12.26 -15.43
CA CYS B 326 -3.66 -11.74 -14.64
C CYS B 326 -2.68 -10.97 -15.53
N GLU B 327 -2.45 -11.46 -16.75
CA GLU B 327 -1.58 -10.77 -17.69
C GLU B 327 -2.17 -9.40 -18.03
N ALA B 328 -3.48 -9.27 -17.82
CA ALA B 328 -4.16 -8.01 -18.09
C ALA B 328 -3.84 -6.98 -17.02
N THR B 329 -3.78 -7.40 -15.75
CA THR B 329 -3.46 -6.46 -14.68
C THR B 329 -2.02 -6.01 -14.87
N TYR B 330 -1.20 -6.84 -15.51
CA TYR B 330 0.19 -6.50 -15.75
C TYR B 330 0.37 -5.47 -16.87
N ASN B 331 0.01 -5.81 -18.11
CA ASN B 331 0.19 -4.87 -19.21
C ASN B 331 -0.77 -3.65 -19.25
N SER B 332 -1.55 -3.42 -18.20
CA SER B 332 -2.45 -2.27 -18.19
C SER B 332 -1.84 -1.11 -17.38
N THR B 333 -0.66 -1.36 -16.81
CA THR B 333 0.01 -0.35 -16.00
C THR B 333 1.13 0.36 -16.74
N LEU B 334 1.51 1.50 -16.20
CA LEU B 334 2.59 2.31 -16.75
C LEU B 334 3.93 1.55 -16.82
N THR B 335 4.25 0.81 -15.76
CA THR B 335 5.51 0.05 -15.72
C THR B 335 5.46 -1.37 -16.31
N LYS B 336 4.26 -1.89 -16.52
CA LYS B 336 4.08 -3.27 -17.02
C LYS B 336 4.28 -4.34 -15.93
N ILE B 337 3.86 -4.02 -14.71
CA ILE B 337 3.93 -4.93 -13.56
C ILE B 337 2.55 -4.75 -12.92
N GLY B 338 1.92 -5.83 -12.47
CA GLY B 338 0.61 -5.74 -11.87
C GLY B 338 0.55 -5.30 -10.43
N PRO B 339 -0.62 -4.81 -10.00
CA PRO B 339 -0.90 -4.33 -8.64
C PRO B 339 -1.10 -5.46 -7.64
N ASP B 340 -0.90 -5.14 -6.37
CA ASP B 340 -1.04 -6.10 -5.29
C ASP B 340 -2.48 -6.52 -5.03
N SER B 341 -3.42 -5.63 -5.33
CA SER B 341 -4.85 -5.91 -5.13
C SER B 341 -5.66 -4.96 -5.98
N TRP B 342 -6.73 -5.48 -6.57
CA TRP B 342 -7.59 -4.70 -7.43
C TRP B 342 -9.06 -5.08 -7.32
N GLY B 343 -9.92 -4.19 -7.79
CA GLY B 343 -11.35 -4.44 -7.75
C GLY B 343 -11.94 -4.36 -9.14
N TRP B 344 -13.21 -4.74 -9.27
CA TRP B 344 -13.90 -4.69 -10.55
C TRP B 344 -15.40 -4.56 -10.33
N ASP B 345 -15.77 -4.30 -9.07
CA ASP B 345 -17.18 -4.13 -8.70
C ASP B 345 -17.74 -2.85 -9.32
N PRO B 346 -18.83 -2.97 -10.09
CA PRO B 346 -19.51 -1.87 -10.78
C PRO B 346 -20.02 -0.70 -9.91
N LYS B 347 -20.36 -0.98 -8.65
CA LYS B 347 -20.85 0.07 -7.75
C LYS B 347 -19.75 0.66 -6.89
N LYS B 348 -18.49 0.50 -7.33
CA LYS B 348 -17.35 1.02 -6.58
C LYS B 348 -16.17 1.48 -7.43
N VAL B 349 -16.42 1.83 -8.68
CA VAL B 349 -15.34 2.28 -9.56
C VAL B 349 -15.06 3.77 -9.34
N PRO B 350 -13.86 4.10 -8.83
CA PRO B 350 -13.45 5.48 -8.57
C PRO B 350 -13.76 6.45 -9.70
N SER B 351 -14.45 7.54 -9.36
CA SER B 351 -14.83 8.56 -10.34
C SER B 351 -13.61 9.25 -10.97
N ASP B 352 -12.43 8.92 -10.46
CA ASP B 352 -11.19 9.49 -10.96
C ASP B 352 -10.39 8.45 -11.73
N GLN B 353 -10.88 7.21 -11.70
CA GLN B 353 -10.22 6.10 -12.38
C GLN B 353 -11.19 5.49 -13.39
N LYS B 354 -12.41 6.02 -13.43
CA LYS B 354 -13.44 5.53 -14.33
C LYS B 354 -12.87 5.26 -15.72
N GLU B 355 -12.02 6.16 -16.20
CA GLU B 355 -11.41 5.99 -17.51
C GLU B 355 -10.54 4.73 -17.59
N PHE B 356 -9.74 4.50 -16.55
CA PHE B 356 -8.86 3.36 -16.50
C PHE B 356 -9.67 2.07 -16.54
N TYR B 357 -10.61 1.93 -15.61
CA TYR B 357 -11.45 0.76 -15.56
C TYR B 357 -11.98 0.42 -16.96
N GLU B 358 -12.55 1.42 -17.61
CA GLU B 358 -13.11 1.25 -18.94
C GLU B 358 -12.26 0.47 -19.93
N LYS B 359 -10.97 0.76 -20.01
CA LYS B 359 -10.14 0.04 -20.95
C LYS B 359 -9.45 -1.19 -20.38
N ALA B 360 -8.61 -0.98 -19.37
CA ALA B 360 -7.90 -2.09 -18.72
C ALA B 360 -8.90 -3.18 -18.34
N GLY B 361 -9.94 -2.77 -17.62
CA GLY B 361 -10.97 -3.70 -17.19
C GLY B 361 -11.12 -3.88 -15.69
N PHE B 362 -10.52 -2.98 -14.92
CA PHE B 362 -10.58 -3.07 -13.46
C PHE B 362 -10.03 -1.79 -12.85
N TYR B 363 -10.06 -1.72 -11.52
CA TYR B 363 -9.55 -0.55 -10.82
C TYR B 363 -8.56 -0.92 -9.71
N ILE B 364 -7.31 -0.51 -9.88
CA ILE B 364 -6.26 -0.79 -8.90
C ILE B 364 -6.75 -0.48 -7.50
N SER B 365 -6.47 -1.38 -6.56
CA SER B 365 -6.88 -1.21 -5.17
C SER B 365 -5.64 -0.94 -4.33
N SER B 366 -4.48 -1.34 -4.87
CA SER B 366 -3.19 -1.13 -4.23
C SER B 366 -2.16 -1.24 -5.35
N GLY B 367 -1.32 -0.21 -5.45
CA GLY B 367 -0.32 -0.18 -6.50
C GLY B 367 1.06 -0.70 -6.17
N SER B 368 1.21 -1.43 -5.07
CA SER B 368 2.53 -1.94 -4.67
C SER B 368 2.94 -3.24 -5.35
N TYR B 369 4.25 -3.46 -5.45
CA TYR B 369 4.80 -4.71 -6.02
C TYR B 369 5.98 -5.08 -5.14
N VAL B 370 5.82 -6.14 -4.36
CA VAL B 370 6.86 -6.58 -3.43
C VAL B 370 7.73 -7.73 -3.94
N LEU B 371 8.05 -7.70 -5.24
CA LEU B 371 8.88 -8.72 -5.85
C LEU B 371 8.23 -10.10 -5.79
N ARG B 372 6.90 -10.15 -5.89
CA ARG B 372 6.14 -11.40 -5.82
C ARG B 372 6.23 -12.19 -7.14
N PRO B 373 6.05 -13.53 -7.08
CA PRO B 373 6.16 -14.29 -8.32
C PRO B 373 4.95 -15.05 -8.86
N GLU B 374 3.78 -14.96 -8.22
CA GLU B 374 2.62 -15.76 -8.67
C GLU B 374 2.16 -15.62 -10.12
N VAL B 375 2.33 -14.45 -10.73
CA VAL B 375 1.92 -14.30 -12.12
C VAL B 375 2.93 -14.96 -13.06
N ILE B 376 4.22 -14.72 -12.82
CA ILE B 376 5.26 -15.32 -13.64
C ILE B 376 5.17 -16.87 -13.48
N GLU B 377 4.68 -17.31 -12.32
CA GLU B 377 4.53 -18.74 -12.06
C GLU B 377 3.47 -19.37 -12.98
N SER B 378 2.26 -18.81 -13.01
CA SER B 378 1.23 -19.36 -13.88
C SER B 378 1.56 -19.20 -15.38
N PHE B 379 2.34 -18.18 -15.71
CA PHE B 379 2.77 -17.95 -17.09
C PHE B 379 3.70 -19.09 -17.48
N TYR B 380 4.55 -19.50 -16.54
CA TYR B 380 5.48 -20.59 -16.76
C TYR B 380 4.78 -21.94 -16.96
N TYR B 381 3.74 -22.21 -16.18
CA TYR B 381 3.01 -23.47 -16.33
C TYR B 381 2.26 -23.45 -17.66
N ALA B 382 1.75 -22.27 -18.01
CA ALA B 382 1.02 -22.09 -19.26
C ALA B 382 1.86 -22.48 -20.46
N HIS B 383 3.16 -22.22 -20.39
CA HIS B 383 4.07 -22.54 -21.50
C HIS B 383 4.54 -23.97 -21.53
N ARG B 384 4.65 -24.59 -20.35
CA ARG B 384 5.09 -25.97 -20.24
C ARG B 384 3.95 -26.93 -20.65
N VAL B 385 2.72 -26.49 -20.43
CA VAL B 385 1.58 -27.32 -20.77
C VAL B 385 1.06 -27.08 -22.21
N THR B 386 0.94 -25.82 -22.63
CA THR B 386 0.46 -25.54 -23.98
C THR B 386 1.56 -25.58 -25.03
N GLY B 387 2.75 -25.14 -24.65
CA GLY B 387 3.84 -25.13 -25.60
C GLY B 387 3.83 -23.87 -26.44
N LYS B 388 2.75 -23.11 -26.37
CA LYS B 388 2.64 -21.86 -27.12
C LYS B 388 3.73 -20.87 -26.69
N GLU B 389 4.32 -20.18 -27.66
CA GLU B 389 5.41 -19.25 -27.41
C GLU B 389 5.02 -17.91 -26.78
N ILE B 390 3.75 -17.53 -26.89
CA ILE B 390 3.30 -16.26 -26.34
C ILE B 390 3.42 -16.20 -24.81
N TYR B 391 3.39 -17.36 -24.16
CA TYR B 391 3.49 -17.43 -22.71
C TYR B 391 4.92 -17.19 -22.23
N ARG B 392 5.90 -17.70 -22.98
CA ARG B 392 7.29 -17.49 -22.60
C ARG B 392 7.59 -15.99 -22.75
N ASP B 393 6.95 -15.35 -23.72
CA ASP B 393 7.15 -13.92 -23.97
C ASP B 393 6.58 -13.05 -22.84
N TRP B 394 5.46 -13.49 -22.26
CA TRP B 394 4.87 -12.70 -21.19
C TRP B 394 5.74 -12.78 -19.94
N VAL B 395 6.49 -13.87 -19.82
CA VAL B 395 7.41 -14.05 -18.69
C VAL B 395 8.60 -13.11 -18.84
N TRP B 396 9.10 -13.00 -20.08
CA TRP B 396 10.25 -12.16 -20.39
C TRP B 396 9.90 -10.66 -20.27
N ASN B 397 8.68 -10.30 -20.64
CA ASN B 397 8.24 -8.91 -20.55
C ASN B 397 8.12 -8.50 -19.08
N ALA B 398 7.64 -9.42 -18.25
CA ALA B 398 7.49 -9.17 -16.82
C ALA B 398 8.87 -9.03 -16.21
N PHE B 399 9.74 -10.00 -16.50
CA PHE B 399 11.11 -10.01 -15.99
C PHE B 399 11.89 -8.74 -16.36
N VAL B 400 11.69 -8.26 -17.59
CA VAL B 400 12.35 -7.05 -18.06
C VAL B 400 11.82 -5.83 -17.32
N ALA B 401 10.52 -5.79 -17.14
CA ALA B 401 9.89 -4.70 -16.42
C ALA B 401 10.54 -4.59 -15.04
N ILE B 402 10.64 -5.72 -14.34
CA ILE B 402 11.22 -5.75 -12.99
C ILE B 402 12.66 -5.27 -12.94
N ASN B 403 13.48 -5.79 -13.85
CA ASN B 403 14.90 -5.45 -13.89
C ASN B 403 15.21 -3.98 -14.08
N SER B 404 14.32 -3.26 -14.78
CA SER B 404 14.55 -1.83 -14.99
C SER B 404 13.83 -0.95 -13.99
N THR B 405 12.70 -1.43 -13.44
CA THR B 405 11.94 -0.65 -12.46
C THR B 405 12.40 -0.86 -11.02
N CYS B 406 12.74 -2.11 -10.68
CA CYS B 406 13.13 -2.46 -9.31
C CYS B 406 14.63 -2.55 -8.95
N ARG B 407 15.51 -2.67 -9.93
CA ARG B 407 16.94 -2.82 -9.64
C ARG B 407 17.67 -1.65 -8.97
N THR B 408 18.54 -1.97 -8.00
CA THR B 408 19.34 -0.96 -7.31
C THR B 408 20.81 -1.39 -7.42
N ASP B 409 21.72 -0.62 -6.85
CA ASP B 409 23.15 -0.95 -6.90
C ASP B 409 23.50 -2.28 -6.22
N SER B 410 22.71 -2.66 -5.22
CA SER B 410 23.00 -3.90 -4.50
C SER B 410 22.11 -5.09 -4.89
N GLY B 411 20.91 -4.83 -5.40
CA GLY B 411 20.00 -5.90 -5.78
C GLY B 411 18.68 -5.41 -6.36
N PHE B 412 17.57 -5.89 -5.82
CA PHE B 412 16.24 -5.50 -6.29
C PHE B 412 15.39 -5.02 -5.10
N ALA B 413 14.55 -4.03 -5.35
CA ALA B 413 13.70 -3.47 -4.30
C ALA B 413 12.21 -3.43 -4.66
N ALA B 414 11.36 -3.60 -3.65
CA ALA B 414 9.91 -3.54 -3.86
C ALA B 414 9.60 -2.08 -4.21
N VAL B 415 8.46 -1.83 -4.85
CA VAL B 415 8.09 -0.47 -5.24
C VAL B 415 6.65 -0.13 -4.81
N SER B 416 6.40 1.15 -4.57
CA SER B 416 5.08 1.60 -4.09
C SER B 416 3.92 1.77 -5.08
N ASP B 417 4.21 2.07 -6.36
CA ASP B 417 3.12 2.27 -7.32
C ASP B 417 3.45 1.78 -8.72
N VAL B 418 2.89 0.64 -9.10
CA VAL B 418 3.18 0.07 -10.42
C VAL B 418 2.67 0.90 -11.58
N ASN B 419 1.92 1.96 -11.30
CA ASN B 419 1.40 2.77 -12.39
C ASN B 419 1.94 4.20 -12.33
N LYS B 420 3.26 4.31 -12.16
CA LYS B 420 3.95 5.60 -12.10
C LYS B 420 5.39 5.43 -12.51
N ALA B 421 5.95 6.46 -13.13
CA ALA B 421 7.35 6.41 -13.56
C ALA B 421 8.19 5.78 -12.45
N ASN B 422 9.05 4.85 -12.86
CA ASN B 422 9.93 4.15 -11.94
C ASN B 422 9.21 3.46 -10.78
N GLY B 423 7.91 3.27 -10.91
CA GLY B 423 7.16 2.59 -9.87
C GLY B 423 6.91 3.38 -8.60
N GLY B 424 6.99 4.70 -8.67
CA GLY B 424 6.76 5.51 -7.47
C GLY B 424 8.02 5.62 -6.62
N SER B 425 8.01 5.00 -5.45
CA SER B 425 9.15 5.03 -4.54
C SER B 425 9.54 3.60 -4.26
N LYS B 426 10.84 3.36 -4.08
CA LYS B 426 11.35 2.02 -3.75
C LYS B 426 11.31 1.80 -2.22
N TYR B 427 11.10 0.55 -1.82
CA TYR B 427 11.07 0.15 -0.41
C TYR B 427 12.46 -0.34 -0.10
N ASP B 428 12.87 -0.27 1.17
CA ASP B 428 14.16 -0.81 1.54
C ASP B 428 13.80 -2.25 1.96
N ASN B 429 13.39 -3.05 0.99
CA ASN B 429 12.98 -4.43 1.25
C ASN B 429 13.22 -5.36 0.05
N GLN B 430 13.85 -6.51 0.30
CA GLN B 430 14.09 -7.53 -0.72
C GLN B 430 13.84 -8.92 -0.08
N GLU B 431 12.63 -9.46 -0.27
CA GLU B 431 12.22 -10.77 0.26
C GLU B 431 13.02 -11.90 -0.34
N SER B 432 13.28 -12.95 0.44
CA SER B 432 14.04 -14.10 -0.08
C SER B 432 13.38 -14.77 -1.29
N PHE B 433 12.07 -14.68 -1.45
CA PHE B 433 11.52 -15.34 -2.64
C PHE B 433 11.97 -14.71 -3.97
N LEU B 434 12.77 -13.63 -3.88
CA LEU B 434 13.34 -12.99 -5.07
C LEU B 434 14.34 -14.01 -5.64
N PHE B 435 15.12 -14.61 -4.77
CA PHE B 435 16.12 -15.59 -5.19
C PHE B 435 15.51 -16.94 -5.53
N ALA B 436 14.52 -17.35 -4.73
CA ALA B 436 13.89 -18.64 -4.91
C ALA B 436 12.87 -18.78 -6.04
N GLU B 437 11.96 -17.79 -6.16
CA GLU B 437 10.90 -17.88 -7.15
C GLU B 437 10.99 -17.00 -8.38
N VAL B 438 11.21 -15.71 -8.21
CA VAL B 438 11.25 -14.83 -9.36
C VAL B 438 12.36 -15.18 -10.32
N MET B 439 13.55 -15.42 -9.77
CA MET B 439 14.71 -15.75 -10.58
C MET B 439 14.62 -17.12 -11.22
N LYS B 440 14.09 -18.11 -10.50
CA LYS B 440 13.98 -19.47 -11.03
C LYS B 440 12.93 -19.68 -12.13
N TYR B 441 11.72 -19.19 -11.92
CA TYR B 441 10.66 -19.34 -12.92
C TYR B 441 11.00 -18.58 -14.21
N SER B 442 11.67 -17.45 -14.07
CA SER B 442 12.04 -16.64 -15.23
C SER B 442 13.09 -17.35 -16.06
N TYR B 443 14.06 -17.95 -15.38
CA TYR B 443 15.10 -18.70 -16.04
C TYR B 443 14.53 -19.97 -16.67
N LEU B 444 13.84 -20.79 -15.87
CA LEU B 444 13.25 -22.03 -16.37
C LEU B 444 12.49 -21.86 -17.67
N ALA B 445 11.79 -20.75 -17.79
CA ALA B 445 11.00 -20.45 -18.99
C ALA B 445 11.86 -20.30 -20.23
N HIS B 446 13.17 -20.13 -20.05
CA HIS B 446 14.09 -19.92 -21.17
C HIS B 446 15.26 -20.90 -21.22
N SER B 447 15.39 -21.70 -20.18
CA SER B 447 16.48 -22.66 -20.10
C SER B 447 16.12 -23.97 -20.80
N GLU B 448 17.05 -24.92 -20.77
CA GLU B 448 16.87 -26.20 -21.42
C GLU B 448 16.02 -27.17 -20.59
N ASP B 449 15.24 -27.99 -21.27
CA ASP B 449 14.41 -28.97 -20.59
C ASP B 449 15.31 -29.88 -19.75
N ALA B 450 14.76 -30.38 -18.65
CA ALA B 450 15.50 -31.26 -17.75
C ALA B 450 14.43 -31.87 -16.85
N ALA B 451 14.84 -32.73 -15.93
CA ALA B 451 13.91 -33.40 -15.01
C ALA B 451 13.25 -32.43 -14.04
N TRP B 452 14.00 -31.43 -13.58
CA TRP B 452 13.45 -30.47 -12.63
C TRP B 452 12.41 -29.56 -13.28
N GLN B 453 12.30 -29.60 -14.59
CA GLN B 453 11.31 -28.78 -15.29
C GLN B 453 9.93 -29.41 -15.15
N VAL B 454 8.89 -28.57 -15.16
CA VAL B 454 7.51 -29.03 -15.06
C VAL B 454 7.11 -29.73 -16.36
N GLN B 455 6.42 -30.87 -16.24
CA GLN B 455 6.04 -31.65 -17.42
C GLN B 455 4.54 -31.85 -17.65
N LYS B 456 4.20 -32.47 -18.78
CA LYS B 456 2.81 -32.77 -19.14
C LYS B 456 2.44 -34.21 -18.74
N GLY B 457 1.13 -34.45 -18.64
CA GLY B 457 0.66 -35.78 -18.29
C GLY B 457 1.20 -36.40 -17.02
N GLY B 458 1.71 -37.62 -17.13
CA GLY B 458 2.26 -38.31 -15.98
C GLY B 458 3.76 -38.39 -16.06
N LYS B 459 4.35 -37.37 -16.69
CA LYS B 459 5.80 -37.30 -16.87
C LYS B 459 6.59 -36.70 -15.68
N ASN B 460 5.93 -35.92 -14.83
CA ASN B 460 6.60 -35.28 -13.71
C ASN B 460 7.33 -36.21 -12.72
N THR B 461 8.64 -35.97 -12.55
CA THR B 461 9.43 -36.72 -11.57
C THR B 461 9.78 -35.72 -10.45
N PHE B 462 9.29 -34.50 -10.63
CA PHE B 462 9.48 -33.42 -9.65
C PHE B 462 8.17 -32.67 -9.38
N VAL B 463 7.99 -32.20 -8.14
CA VAL B 463 6.81 -31.43 -7.78
C VAL B 463 7.24 -30.17 -7.01
N TYR B 464 6.91 -29.00 -7.54
CA TYR B 464 7.29 -27.74 -6.89
C TYR B 464 6.49 -27.41 -5.65
N ASN B 465 7.17 -26.91 -4.63
CA ASN B 465 6.51 -26.52 -3.37
C ASN B 465 5.98 -25.09 -3.57
N THR B 466 5.36 -24.49 -2.55
CA THR B 466 4.78 -23.15 -2.74
C THR B 466 5.81 -22.00 -2.80
N GLU B 467 7.07 -22.33 -2.51
CA GLU B 467 8.16 -21.36 -2.53
C GLU B 467 9.04 -21.69 -3.73
N ALA B 468 8.49 -22.44 -4.68
CA ALA B 468 9.20 -22.84 -5.90
C ALA B 468 10.45 -23.75 -5.70
N HIS B 469 10.46 -24.57 -4.65
CA HIS B 469 11.55 -25.52 -4.41
C HIS B 469 11.12 -26.92 -4.90
N PRO B 470 11.70 -27.43 -6.00
CA PRO B 470 11.30 -28.76 -6.49
C PRO B 470 11.67 -29.94 -5.58
N ILE B 471 10.68 -30.79 -5.28
CA ILE B 471 10.83 -31.97 -4.45
C ILE B 471 10.72 -33.18 -5.35
N SER B 472 11.46 -34.24 -5.04
CA SER B 472 11.41 -35.48 -5.82
C SER B 472 10.10 -36.21 -5.53
N VAL B 473 9.42 -36.70 -6.55
CA VAL B 473 8.18 -37.44 -6.32
C VAL B 473 8.51 -38.78 -5.64
N ALA B 474 7.55 -39.34 -4.93
CA ALA B 474 7.75 -40.59 -4.20
C ALA B 474 8.32 -41.79 -4.97
N ARG B 475 9.09 -42.61 -4.27
CA ARG B 475 9.73 -43.82 -4.80
C ARG B 475 10.65 -43.54 -5.99
C1 NAG C . 5.33 20.06 -23.31
C2 NAG C . 5.96 18.65 -23.31
C3 NAG C . 7.24 18.60 -24.14
C4 NAG C . 7.14 19.33 -25.50
C5 NAG C . 6.40 20.67 -25.37
C6 NAG C . 6.03 21.19 -26.74
C7 NAG C . 5.75 17.16 -21.43
C8 NAG C . 6.12 16.83 -20.00
N2 NAG C . 6.27 18.27 -21.95
O3 NAG C . 7.58 17.24 -24.40
O4 NAG C . 8.48 19.59 -25.98
O5 NAG C . 5.15 20.50 -24.65
O6 NAG C . 6.57 22.49 -26.96
O7 NAG C . 5.01 16.41 -22.06
C1 NAG C . 8.81 19.15 -27.26
C2 NAG C . 10.06 19.91 -27.74
C3 NAG C . 10.59 19.33 -29.05
C4 NAG C . 10.81 17.82 -28.91
C5 NAG C . 9.49 17.18 -28.47
C6 NAG C . 9.60 15.67 -28.29
C7 NAG C . 10.26 22.23 -27.09
C8 NAG C . 10.13 23.69 -27.48
N2 NAG C . 9.74 21.32 -27.91
O3 NAG C . 11.82 19.95 -29.41
O4 NAG C . 11.25 17.27 -30.14
O5 NAG C . 9.06 17.74 -27.21
O6 NAG C . 10.84 15.17 -28.76
O7 NAG C . 10.83 21.92 -26.04
C1 NAG D . -7.59 5.53 22.12
C2 NAG D . -7.45 6.40 23.40
C3 NAG D . -8.80 6.59 24.13
C4 NAG D . -9.91 7.02 23.16
C5 NAG D . -9.97 5.99 22.04
C6 NAG D . -11.05 6.27 21.02
C7 NAG D . -5.40 6.45 24.68
C8 NAG D . -4.27 5.63 25.28
N2 NAG D . -6.51 5.79 24.32
O3 NAG D . -8.64 7.57 25.15
O4 NAG D . -11.18 7.05 23.85
O5 NAG D . -8.71 5.97 21.33
O6 NAG D . -11.04 7.62 20.61
O7 NAG D . -5.28 7.67 24.54
C1 NAG D . -12.04 8.11 23.58
C2 NAG D . -13.50 7.70 23.94
C3 NAG D . -14.45 8.91 23.98
C4 NAG D . -13.86 10.07 24.76
C5 NAG D . -12.47 10.39 24.22
C6 NAG D . -11.80 11.53 24.96
C7 NAG D . -14.07 5.49 23.13
C8 NAG D . -14.66 4.66 22.00
N2 NAG D . -14.00 6.80 22.91
O3 NAG D . -15.69 8.52 24.58
O4 NAG D . -14.72 11.22 24.65
O5 NAG D . -11.61 9.24 24.35
O6 NAG D . -12.00 11.42 26.36
O7 NAG D . -13.70 4.96 24.16
C1 MAN D . -15.37 11.62 25.83
C2 MAN D . -16.10 12.95 25.62
C3 MAN D . -16.77 13.34 26.94
C4 MAN D . -17.70 12.22 27.39
C5 MAN D . -16.93 10.90 27.49
C6 MAN D . -17.78 9.71 27.91
O2 MAN D . -17.11 12.79 24.62
O3 MAN D . -17.53 14.54 26.77
O4 MAN D . -18.23 12.55 28.67
O5 MAN D . -16.31 10.60 26.22
O6 MAN D . -18.77 9.42 26.91
C1 MAN D . -17.22 15.59 27.65
C2 MAN D . -18.41 16.56 27.70
C3 MAN D . -18.63 17.16 26.32
C4 MAN D . -17.35 17.85 25.83
C5 MAN D . -16.15 16.89 25.93
C6 MAN D . -14.81 17.56 25.66
O2 MAN D . -18.10 17.60 28.62
O3 MAN D . -19.70 18.10 26.36
O4 MAN D . -17.52 18.27 24.49
O5 MAN D . -16.07 16.30 27.25
O6 MAN D . -13.77 16.60 25.54
C1 MAN D . -19.52 8.27 27.22
C2 MAN D . -20.15 7.72 25.94
C3 MAN D . -21.19 8.72 25.40
C4 MAN D . -22.20 9.13 26.47
C5 MAN D . -21.49 9.54 27.77
C6 MAN D . -22.48 9.75 28.91
O2 MAN D . -20.78 6.47 26.21
O3 MAN D . -21.89 8.15 24.31
O4 MAN D . -22.97 10.22 26.01
O5 MAN D . -20.54 8.52 28.17
O6 MAN D . -23.14 10.99 28.78
C1 NAG E . 13.23 12.00 18.33
C2 NAG E . 13.18 12.14 19.85
C3 NAG E . 14.56 12.54 20.41
C4 NAG E . 15.72 11.69 19.83
C5 NAG E . 15.60 11.63 18.30
C6 NAG E . 16.65 10.76 17.64
C7 NAG E . 11.31 12.94 21.17
C8 NAG E . 10.45 14.12 21.60
N2 NAG E . 12.22 13.16 20.21
O3 NAG E . 14.54 12.40 21.82
O4 NAG E . 16.98 12.31 20.17
O5 NAG E . 14.30 11.12 17.93
O6 NAG E . 16.31 9.38 17.72
O7 NAG E . 11.14 11.84 21.69
C1 NAG E . 18.02 11.48 20.59
C2 NAG E . 19.36 12.24 20.41
C3 NAG E . 20.52 11.47 21.06
C4 NAG E . 20.18 11.02 22.48
C5 NAG E . 18.83 10.31 22.51
C6 NAG E . 18.41 9.90 23.91
C7 NAG E . 19.83 13.63 18.50
C8 NAG E . 20.68 13.71 17.23
N2 NAG E . 19.62 12.42 19.00
O3 NAG E . 21.68 12.29 21.08
O4 NAG E . 21.19 10.15 22.96
O5 NAG E . 17.80 11.17 21.97
O6 NAG E . 17.12 9.30 23.89
O7 NAG E . 19.38 14.67 18.99
C1 NAG F . 10.12 -16.91 24.08
C2 NAG F . 9.84 -15.42 24.39
C3 NAG F . 11.06 -14.81 25.10
C4 NAG F . 11.46 -15.64 26.34
C5 NAG F . 11.54 -17.14 26.00
C6 NAG F . 11.68 -18.01 27.24
C7 NAG F . 10.42 -14.73 22.15
C8 NAG F . 9.88 -14.35 20.78
N2 NAG F . 9.56 -14.69 23.16
O3 NAG F . 10.75 -13.48 25.50
O4 NAG F . 12.75 -15.20 26.79
O5 NAG F . 10.34 -17.59 25.33
O6 NAG F . 13.02 -18.42 27.43
O7 NAG F . 11.60 -15.08 22.26
C1 NAG F . 12.89 -14.87 28.14
C2 NAG F . 14.33 -15.17 28.57
C3 NAG F . 14.61 -14.63 29.98
C4 NAG F . 14.19 -13.16 30.11
C5 NAG F . 12.74 -13.01 29.64
C6 NAG F . 12.26 -11.57 29.68
C7 NAG F . 15.79 -17.09 28.47
C8 NAG F . 16.22 -18.03 29.57
N2 NAG F . 14.56 -16.60 28.54
O3 NAG F . 16.01 -14.74 30.26
O4 NAG F . 14.31 -12.72 31.45
O5 NAG F . 12.60 -13.47 28.27
O6 NAG F . 11.60 -11.27 30.90
O7 NAG F . 16.58 -16.78 27.57
C1 NAG G . -2.17 -7.82 -22.50
C2 NAG G . -1.64 -8.73 -23.62
C3 NAG G . -2.83 -9.22 -24.46
C4 NAG G . -3.79 -10.01 -23.56
C5 NAG G . -4.24 -9.10 -22.41
C6 NAG G . -5.11 -9.85 -21.40
C7 NAG G . 0.45 -8.64 -24.82
C8 NAG G . 0.35 -9.90 -25.67
N2 NAG G . -0.68 -8.03 -24.46
O3 NAG G . -2.36 -10.04 -25.53
O4 NAG G . -4.94 -10.44 -24.32
O5 NAG G . -3.11 -8.56 -21.67
O6 NAG G . -4.74 -11.23 -21.34
O7 NAG G . 1.56 -8.22 -24.49
C1 NAG G . -5.26 -11.79 -24.27
C2 NAG G . -6.69 -12.01 -24.77
C3 NAG G . -7.00 -13.51 -24.93
C4 NAG G . -5.90 -14.26 -25.68
C5 NAG G . -4.55 -13.94 -25.03
C6 NAG G . -3.36 -14.62 -25.66
C7 NAG G . -8.20 -10.26 -24.05
C8 NAG G . -8.43 -9.35 -22.85
N2 NAG G . -7.64 -11.45 -23.82
O3 NAG G . -8.23 -13.67 -25.64
O4 NAG G . -6.16 -15.68 -25.63
O5 NAG G . -4.32 -12.52 -25.07
O6 NAG G . -3.63 -15.00 -27.00
O7 NAG G . -8.52 -9.87 -25.17
C1 MAN G . -6.44 -16.33 -26.82
C2 MAN G . -6.57 -17.84 -26.63
C3 MAN G . -6.86 -18.50 -27.98
C4 MAN G . -8.12 -17.87 -28.58
C5 MAN G . -7.97 -16.35 -28.66
C6 MAN G . -9.23 -15.67 -29.16
O2 MAN G . -7.63 -18.13 -25.73
O3 MAN G . -7.08 -19.92 -27.79
O4 MAN G . -8.37 -18.39 -29.88
O5 MAN G . -7.68 -15.81 -27.35
O6 MAN G . -10.39 -16.34 -28.64
C1 MAN G . -6.25 -20.77 -28.52
C2 MAN G . -7.04 -22.06 -28.87
C3 MAN G . -7.28 -22.87 -27.60
C4 MAN G . -5.94 -23.18 -26.94
C5 MAN G . -5.23 -21.87 -26.61
C6 MAN G . -3.86 -22.08 -25.99
O2 MAN G . -6.29 -22.83 -29.81
O3 MAN G . -7.97 -24.07 -27.93
O4 MAN G . -6.14 -23.93 -25.74
O5 MAN G . -5.05 -21.10 -27.83
O6 MAN G . -3.24 -23.27 -26.46
C1 MAN G . -11.55 -15.57 -28.79
C2 MAN G . -12.63 -16.05 -27.82
C3 MAN G . -13.15 -17.43 -28.24
C4 MAN G . -13.67 -17.36 -29.67
C5 MAN G . -12.53 -16.88 -30.59
C6 MAN G . -12.93 -16.71 -32.06
O2 MAN G . -13.70 -15.13 -27.78
O3 MAN G . -14.18 -17.84 -27.37
O4 MAN G . -14.12 -18.64 -30.09
O5 MAN G . -12.04 -15.60 -30.14
O6 MAN G . -14.33 -16.50 -32.21
C1 NAG H . 18.98 -5.48 -16.36
C2 NAG H . 19.21 -5.60 -17.87
C3 NAG H . 20.72 -5.53 -18.20
C4 NAG H . 21.45 -4.40 -17.42
C5 NAG H . 21.02 -4.38 -15.96
C6 NAG H . 21.59 -3.19 -15.19
C7 NAG H . 17.93 -6.96 -19.42
C8 NAG H . 17.67 -8.36 -19.96
N2 NAG H . 18.70 -6.88 -18.33
O3 NAG H . 20.88 -5.33 -19.59
O4 NAG H . 22.87 -4.66 -17.50
O5 NAG H . 19.59 -4.30 -15.86
O6 NAG H . 21.12 -1.96 -15.74
O7 NAG H . 17.44 -5.98 -19.99
C1 NAG H . 23.73 -3.58 -17.62
C2 NAG H . 25.17 -4.09 -17.62
C3 NAG H . 26.14 -2.93 -17.87
C4 NAG H . 25.78 -2.21 -19.16
C5 NAG H . 24.29 -1.80 -19.14
C6 NAG H . 23.86 -1.22 -20.47
C7 NAG H . 25.75 -4.06 -15.26
C8 NAG H . 26.70 -4.69 -14.26
N2 NAG H . 25.45 -4.76 -16.35
O3 NAG H . 27.48 -3.43 -17.97
O4 NAG H . 26.59 -1.06 -19.31
O5 NAG H . 23.45 -2.94 -18.87
O6 NAG H . 22.54 -1.65 -20.81
O7 NAG H . 25.29 -2.92 -15.05
CA CA I . -5.05 19.10 3.54
C1 GOL J . -7.13 15.40 -2.69
O1 GOL J . -8.51 15.48 -3.04
C2 GOL J . -6.34 14.89 -3.86
O2 GOL J . -6.53 13.50 -4.06
C3 GOL J . -6.72 15.65 -5.09
O3 GOL J . -6.03 15.12 -6.21
C1 GOL K . -3.49 18.05 0.69
O1 GOL K . -4.59 18.89 0.98
C2 GOL K . -2.28 18.38 1.55
O2 GOL K . -2.61 18.35 2.93
C3 GOL K . -1.13 17.44 1.29
O3 GOL K . -0.64 17.59 -0.02
C1 GOL L . 0.80 14.78 -4.62
O1 GOL L . 1.00 14.35 -5.96
C2 GOL L . 0.74 13.58 -3.65
O2 GOL L . 2.03 13.02 -3.46
C3 GOL L . 0.13 14.00 -2.33
O3 GOL L . -0.39 12.89 -1.64
C1 GOL M . -27.97 20.62 18.76
O1 GOL M . -27.53 19.94 19.93
C2 GOL M . -28.91 19.75 17.91
O2 GOL M . -30.08 19.38 18.61
C3 GOL M . -29.26 20.44 16.59
O3 GOL M . -29.80 21.73 16.80
CA CA N . 3.31 -19.60 -3.53
C1 GOL O . -0.50 -16.89 4.33
O1 GOL O . -0.92 -15.55 4.51
C2 GOL O . -0.73 -17.37 2.91
O2 GOL O . -2.12 -17.51 2.61
C3 GOL O . -0.04 -16.45 1.89
O3 GOL O . -0.28 -16.91 0.55
C1 GOL P . 4.07 -18.08 -0.45
O1 GOL P . 3.33 -19.21 -0.89
C2 GOL P . 5.36 -17.90 -1.25
O2 GOL P . 5.11 -17.91 -2.64
C3 GOL P . 6.08 -16.62 -0.86
O3 GOL P . 6.61 -16.71 0.46
C1 GOL Q . 4.94 -12.98 5.17
O1 GOL Q . 5.96 -12.73 6.14
C2 GOL Q . 5.36 -12.49 3.78
O2 GOL Q . 6.69 -12.89 3.47
C3 GOL Q . 4.36 -12.99 2.72
O3 GOL Q . 4.75 -12.60 1.41
#